data_2I54
#
_entry.id   2I54
#
_cell.length_a   92.413
_cell.length_b   92.413
_cell.length_c   173.249
_cell.angle_alpha   90.000
_cell.angle_beta   90.000
_cell.angle_gamma   120.000
#
_symmetry.space_group_name_H-M   'P 31 2 1'
#
loop_
_entity.id
_entity.type
_entity.pdbx_description
1 polymer Phosphomannomutase
2 non-polymer 'CHLORIDE ION'
3 non-polymer 'MAGNESIUM ION'
4 non-polymer 'CITRIC ACID'
5 water water
#
_entity_poly.entity_id   1
_entity_poly.type   'polypeptide(L)'
_entity_poly.pdbx_seq_one_letter_code
;MGSKAILLFDVDGTLTPPRNPETHDMKEALLKARAAGFKLGVVGGSDFAKQKEQLGESILEDFDYVFSENGLLAYKDGKE
FHRNSLLRALGNEKVVAFVKKCLHLIADLDIPVQRGTFVEFRNGMFNVSPIGRNCSQQERDEFENLDKERHIREKLIREL
KEAFPDYQLAYSVGGQISFDVFPKGWDKTYCLQFVENDFETIHFFGDKTSEGGNDYEIFTDSRTIGHSVKTYKDTIAILE
ALLEDSR
;
_entity_poly.pdbx_strand_id   A,B,C
#
loop_
_chem_comp.id
_chem_comp.type
_chem_comp.name
_chem_comp.formula
CIT non-polymer 'CITRIC ACID' 'C6 H8 O7'
CL non-polymer 'CHLORIDE ION' 'Cl -1'
MG non-polymer 'MAGNESIUM ION' 'Mg 2'
#
# COMPACT_ATOMS: atom_id res chain seq x y z
N LYS A 4 24.69 15.83 -4.23
CA LYS A 4 25.50 15.30 -3.10
C LYS A 4 24.78 14.06 -2.51
N ALA A 5 25.08 12.90 -3.08
CA ALA A 5 24.55 11.62 -2.64
C ALA A 5 25.68 10.73 -2.15
N ILE A 6 25.39 9.90 -1.16
CA ILE A 6 26.34 8.89 -0.72
C ILE A 6 25.66 7.52 -0.72
N LEU A 7 26.46 6.52 -1.06
CA LEU A 7 26.03 5.13 -1.10
C LEU A 7 26.73 4.39 0.01
N LEU A 8 25.94 3.93 0.98
CA LEU A 8 26.47 3.19 2.14
C LEU A 8 26.12 1.72 1.99
N PHE A 9 27.10 0.87 2.25
CA PHE A 9 26.93 -0.59 2.10
C PHE A 9 27.35 -1.30 3.39
N ASP A 10 26.49 -2.21 3.83
CA ASP A 10 26.87 -3.34 4.66
C ASP A 10 27.95 -4.09 3.87
N VAL A 11 28.79 -4.85 4.54
CA VAL A 11 29.91 -5.47 3.85
C VAL A 11 29.58 -6.90 3.46
N ASP A 12 29.70 -7.81 4.42
CA ASP A 12 29.44 -9.24 4.15
C ASP A 12 28.05 -9.42 3.57
N GLY A 13 27.95 -10.24 2.53
CA GLY A 13 26.67 -10.55 1.91
C GLY A 13 26.08 -9.46 1.01
N THR A 14 26.51 -8.22 1.22
CA THR A 14 26.04 -7.07 0.45
C THR A 14 27.05 -6.69 -0.65
N LEU A 15 28.32 -6.58 -0.27
CA LEU A 15 29.40 -6.31 -1.25
C LEU A 15 30.22 -7.54 -1.58
N THR A 16 29.89 -8.69 -0.98
CA THR A 16 30.69 -9.90 -1.13
C THR A 16 29.82 -11.13 -1.06
N PRO A 17 30.33 -12.26 -1.57
CA PRO A 17 29.72 -13.56 -1.27
C PRO A 17 29.84 -13.79 0.24
N PRO A 18 28.80 -14.35 0.86
CA PRO A 18 28.76 -14.45 2.32
C PRO A 18 29.95 -15.24 2.86
N ARG A 19 30.86 -14.55 3.56
CA ARG A 19 32.17 -15.07 3.97
C ARG A 19 33.12 -15.37 2.79
N ASN A 20 33.34 -14.34 1.97
CA ASN A 20 34.45 -14.30 1.02
C ASN A 20 34.82 -12.85 0.69
N PRO A 21 36.06 -12.61 0.24
CA PRO A 21 36.43 -11.28 -0.24
C PRO A 21 35.62 -10.77 -1.45
N GLU A 22 35.36 -9.46 -1.43
CA GLU A 22 34.74 -8.73 -2.54
C GLU A 22 35.26 -9.11 -3.94
N THR A 23 34.34 -9.32 -4.89
CA THR A 23 34.70 -9.70 -6.27
C THR A 23 35.19 -8.50 -7.07
N HIS A 24 35.95 -8.78 -8.12
CA HIS A 24 36.28 -7.79 -9.15
C HIS A 24 35.04 -7.16 -9.81
N ASP A 25 33.98 -7.95 -9.98
CA ASP A 25 32.70 -7.44 -10.49
C ASP A 25 32.21 -6.33 -9.58
N MET A 26 32.17 -6.62 -8.29
CA MET A 26 31.66 -5.67 -7.32
C MET A 26 32.58 -4.45 -7.29
N LYS A 27 33.90 -4.69 -7.24
CA LYS A 27 34.89 -3.62 -7.26
C LYS A 27 34.70 -2.69 -8.46
N GLU A 28 34.45 -3.28 -9.62
CA GLU A 28 34.28 -2.52 -10.87
C GLU A 28 33.02 -1.65 -10.85
N ALA A 29 31.93 -2.18 -10.30
CA ALA A 29 30.67 -1.45 -10.23
C ALA A 29 30.72 -0.25 -9.27
N LEU A 30 31.44 -0.38 -8.16
CA LEU A 30 31.71 0.73 -7.24
C LEU A 30 32.59 1.85 -7.86
N LEU A 31 33.69 1.46 -8.48
CA LEU A 31 34.50 2.39 -9.28
C LEU A 31 33.61 3.28 -10.15
N LYS A 32 32.71 2.66 -10.90
CA LYS A 32 31.83 3.38 -11.82
C LYS A 32 30.88 4.34 -11.10
N ALA A 33 30.36 3.92 -9.95
CA ALA A 33 29.49 4.79 -9.13
C ALA A 33 30.24 6.03 -8.62
N ARG A 34 31.50 5.86 -8.29
CA ARG A 34 32.31 6.94 -7.77
C ARG A 34 32.64 7.96 -8.86
N ALA A 35 33.07 7.48 -10.03
CA ALA A 35 33.34 8.38 -11.16
C ALA A 35 32.08 9.07 -11.71
N ALA A 36 30.92 8.49 -11.44
CA ALA A 36 29.65 9.14 -11.74
C ALA A 36 29.31 10.19 -10.68
N GLY A 37 30.07 10.25 -9.58
CA GLY A 37 29.99 11.36 -8.63
C GLY A 37 29.34 11.03 -7.28
N PHE A 38 28.99 9.76 -7.06
CA PHE A 38 28.53 9.31 -5.75
C PHE A 38 29.71 9.21 -4.81
N LYS A 39 29.50 9.61 -3.57
CA LYS A 39 30.39 9.18 -2.51
C LYS A 39 30.02 7.78 -2.06
N LEU A 40 31.03 7.08 -1.56
CA LEU A 40 30.86 5.71 -1.11
C LEU A 40 31.29 5.58 0.34
N GLY A 41 30.51 4.79 1.08
CA GLY A 41 30.88 4.39 2.40
C GLY A 41 30.52 2.95 2.71
N VAL A 42 31.19 2.44 3.73
CA VAL A 42 31.03 1.07 4.17
C VAL A 42 30.74 1.12 5.66
N VAL A 43 29.75 0.36 6.11
CA VAL A 43 29.47 0.25 7.54
C VAL A 43 29.18 -1.20 7.83
N GLY A 44 29.79 -1.70 8.90
CA GLY A 44 29.68 -3.10 9.28
C GLY A 44 29.98 -3.28 10.76
N GLY A 45 29.29 -4.23 11.37
CA GLY A 45 29.54 -4.60 12.75
C GLY A 45 30.97 -5.05 13.11
N SER A 46 31.72 -5.52 12.11
CA SER A 46 33.05 -6.09 12.37
C SER A 46 34.13 -5.03 12.35
N ASP A 47 35.29 -5.38 12.91
CA ASP A 47 36.35 -4.40 13.12
C ASP A 47 37.08 -4.07 11.80
N PHE A 48 38.02 -3.13 11.87
CA PHE A 48 38.62 -2.56 10.66
C PHE A 48 39.48 -3.58 9.89
N ALA A 49 40.32 -4.30 10.63
CA ALA A 49 41.04 -5.47 10.12
C ALA A 49 40.15 -6.43 9.32
N LYS A 50 39.00 -6.82 9.89
CA LYS A 50 38.05 -7.70 9.19
C LYS A 50 37.49 -7.08 7.91
N GLN A 51 37.12 -5.79 7.96
CA GLN A 51 36.61 -5.12 6.77
C GLN A 51 37.68 -5.02 5.68
N LYS A 52 38.93 -4.78 6.11
CA LYS A 52 40.09 -4.74 5.23
C LYS A 52 40.40 -6.11 4.59
N GLU A 53 40.10 -7.17 5.32
CA GLU A 53 40.24 -8.53 4.81
C GLU A 53 39.31 -8.77 3.63
N GLN A 54 38.04 -8.42 3.81
CA GLN A 54 37.00 -8.70 2.84
C GLN A 54 37.09 -7.75 1.65
N LEU A 55 37.43 -6.49 1.92
CA LEU A 55 37.34 -5.44 0.91
C LEU A 55 38.69 -5.12 0.29
N GLY A 56 39.75 -5.77 0.79
CA GLY A 56 41.10 -5.54 0.28
C GLY A 56 41.89 -4.51 1.07
N GLU A 57 43.18 -4.41 0.78
CA GLU A 57 44.06 -3.58 1.61
C GLU A 57 43.92 -2.09 1.29
N SER A 58 43.45 -1.76 0.08
CA SER A 58 43.26 -0.36 -0.33
C SER A 58 41.87 0.19 0.07
N ILE A 59 41.23 -0.47 1.03
CA ILE A 59 39.92 -0.08 1.56
C ILE A 59 39.73 1.43 1.79
N LEU A 60 40.69 2.07 2.44
CA LEU A 60 40.60 3.51 2.77
C LEU A 60 40.73 4.40 1.54
N GLU A 61 41.34 3.87 0.48
CA GLU A 61 41.41 4.60 -0.76
C GLU A 61 40.20 4.35 -1.66
N ASP A 62 39.57 3.19 -1.49
CA ASP A 62 38.46 2.77 -2.36
C ASP A 62 37.11 3.34 -1.92
N PHE A 63 37.02 3.71 -0.64
CA PHE A 63 35.80 4.23 -0.06
C PHE A 63 36.02 5.58 0.60
N ASP A 64 35.07 6.49 0.44
CA ASP A 64 35.22 7.85 1.00
C ASP A 64 35.07 7.84 2.51
N TYR A 65 34.15 7.00 3.00
CA TYR A 65 33.92 6.75 4.43
C TYR A 65 34.03 5.25 4.76
N VAL A 66 34.68 4.94 5.88
CA VAL A 66 34.69 3.57 6.40
C VAL A 66 34.26 3.62 7.86
N PHE A 67 33.20 2.90 8.19
CA PHE A 67 32.67 2.86 9.55
C PHE A 67 32.81 1.43 10.06
N SER A 68 33.79 1.20 10.94
CA SER A 68 34.04 -0.11 11.54
C SER A 68 33.29 -0.15 12.87
N GLU A 69 32.88 -1.36 13.28
CA GLU A 69 32.09 -1.57 14.49
C GLU A 69 30.96 -0.57 14.49
N ASN A 70 30.25 -0.52 13.36
CA ASN A 70 29.10 0.36 13.18
C ASN A 70 29.40 1.85 13.22
N GLY A 71 30.69 2.20 13.12
CA GLY A 71 31.16 3.59 13.20
C GLY A 71 31.81 3.97 14.52
N LEU A 72 32.00 3.02 15.44
CA LEU A 72 32.80 3.33 16.64
C LEU A 72 34.24 3.67 16.26
N LEU A 73 34.72 3.13 15.14
CA LEU A 73 35.98 3.58 14.54
C LEU A 73 35.64 4.04 13.13
N ALA A 74 35.84 5.31 12.86
CA ALA A 74 35.36 5.91 11.59
C ALA A 74 36.44 6.67 10.83
N TYR A 75 36.53 6.40 9.52
CA TYR A 75 37.50 7.06 8.63
C TYR A 75 36.76 7.84 7.54
N LYS A 76 37.34 8.99 7.17
CA LYS A 76 36.83 9.81 6.08
C LYS A 76 38.02 10.28 5.28
N ASP A 77 37.99 10.03 3.97
CA ASP A 77 39.09 10.44 3.08
C ASP A 77 40.42 9.85 3.55
N GLY A 78 40.36 8.62 4.08
CA GLY A 78 41.54 7.86 4.43
C GLY A 78 42.13 8.16 5.80
N LYS A 79 41.44 9.01 6.57
CA LYS A 79 41.93 9.53 7.83
C LYS A 79 40.88 9.33 8.92
N GLU A 80 41.31 8.86 10.07
CA GLU A 80 40.45 8.61 11.22
C GLU A 80 39.84 9.90 11.76
N PHE A 81 38.54 9.90 12.03
CA PHE A 81 37.93 11.11 12.60
C PHE A 81 37.07 10.83 13.83
N HIS A 82 36.86 9.56 14.15
CA HIS A 82 36.08 9.18 15.32
C HIS A 82 36.53 7.82 15.85
N ARG A 83 36.64 7.74 17.16
CA ARG A 83 36.98 6.50 17.88
C ARG A 83 36.24 6.58 19.20
N ASN A 84 35.28 5.69 19.41
CA ASN A 84 34.56 5.56 20.67
C ASN A 84 34.64 4.09 21.14
N SER A 85 34.38 3.83 22.42
CA SER A 85 34.33 2.46 22.93
C SER A 85 33.35 2.34 24.08
N LEU A 86 32.98 1.09 24.37
CA LEU A 86 32.04 0.75 25.44
C LEU A 86 32.48 1.28 26.80
N LEU A 87 33.79 1.16 27.11
CA LEU A 87 34.37 1.61 28.38
C LEU A 87 34.21 3.14 28.57
N ARG A 88 34.36 3.90 27.49
CA ARG A 88 34.16 5.35 27.52
C ARG A 88 32.70 5.76 27.66
N ALA A 89 31.81 5.04 26.98
CA ALA A 89 30.40 5.31 27.08
C ALA A 89 29.91 5.05 28.50
N LEU A 90 30.26 3.88 29.03
CA LEU A 90 29.77 3.42 30.33
C LEU A 90 30.58 3.93 31.53
N GLY A 91 31.90 3.90 31.39
CA GLY A 91 32.76 4.21 32.50
C GLY A 91 33.07 2.94 33.24
N ASN A 92 34.18 2.94 33.96
CA ASN A 92 34.63 1.77 34.70
C ASN A 92 33.63 1.23 35.73
N GLU A 93 33.06 2.12 36.54
CA GLU A 93 32.22 1.69 37.65
C GLU A 93 31.00 0.90 37.17
N LYS A 94 30.35 1.43 36.12
CA LYS A 94 29.22 0.77 35.46
C LYS A 94 29.62 -0.52 34.75
N VAL A 95 30.80 -0.55 34.13
CA VAL A 95 31.26 -1.78 33.51
C VAL A 95 31.47 -2.88 34.55
N VAL A 96 32.14 -2.57 35.66
CA VAL A 96 32.40 -3.67 36.61
C VAL A 96 31.12 -4.14 37.31
N ALA A 97 30.22 -3.20 37.62
CA ALA A 97 28.87 -3.58 38.11
C ALA A 97 28.08 -4.50 37.15
N PHE A 98 28.07 -4.19 35.86
CA PHE A 98 27.34 -5.03 34.92
C PHE A 98 27.92 -6.47 34.85
N VAL A 99 29.23 -6.52 34.73
CA VAL A 99 29.97 -7.77 34.58
C VAL A 99 29.87 -8.63 35.85
N LYS A 100 29.95 -8.02 37.03
CA LYS A 100 29.74 -8.74 38.28
C LYS A 100 28.36 -9.42 38.32
N LYS A 101 27.33 -8.66 37.92
CA LYS A 101 25.99 -9.20 37.90
C LYS A 101 25.89 -10.35 36.88
N CYS A 102 26.46 -10.18 35.67
CA CYS A 102 26.55 -11.28 34.70
C CYS A 102 27.19 -12.54 35.30
N LEU A 103 28.29 -12.36 36.00
CA LEU A 103 29.03 -13.50 36.52
C LEU A 103 28.23 -14.27 37.60
N HIS A 104 27.58 -13.52 38.48
CA HIS A 104 26.72 -14.12 39.50
C HIS A 104 25.58 -14.89 38.85
N LEU A 105 24.89 -14.23 37.93
CA LEU A 105 23.80 -14.83 37.18
C LEU A 105 24.22 -16.16 36.51
N ILE A 106 25.35 -16.13 35.81
CA ILE A 106 25.84 -17.33 35.11
C ILE A 106 26.32 -18.45 36.04
N ALA A 107 26.97 -18.07 37.12
CA ALA A 107 27.38 -19.01 38.17
C ALA A 107 26.19 -19.75 38.80
N ASP A 108 25.05 -19.06 38.94
CA ASP A 108 23.85 -19.59 39.59
C ASP A 108 22.92 -20.36 38.65
N LEU A 109 23.28 -20.45 37.37
CA LEU A 109 22.52 -21.28 36.42
C LEU A 109 22.59 -22.78 36.70
N ASP A 110 21.46 -23.44 36.50
CA ASP A 110 21.37 -24.87 36.62
C ASP A 110 21.21 -25.40 35.22
N ILE A 111 22.31 -25.42 34.50
CA ILE A 111 22.38 -25.98 33.17
C ILE A 111 23.47 -27.08 33.16
N PRO A 112 23.26 -28.07 32.31
CA PRO A 112 24.15 -29.22 32.21
C PRO A 112 25.62 -28.96 31.94
N VAL A 113 25.93 -28.05 31.00
CA VAL A 113 27.30 -27.85 30.51
C VAL A 113 27.70 -26.37 30.61
N GLN A 114 28.84 -26.14 31.25
CA GLN A 114 29.55 -24.86 31.22
C GLN A 114 31.05 -25.13 31.11
N ARG A 115 31.75 -24.21 30.46
CA ARG A 115 33.13 -24.37 30.06
C ARG A 115 33.95 -23.16 30.46
N GLY A 116 34.02 -22.17 29.57
CA GLY A 116 34.80 -20.95 29.83
C GLY A 116 34.49 -19.83 28.86
N THR A 117 34.97 -18.64 29.21
CA THR A 117 34.67 -17.41 28.44
C THR A 117 33.18 -17.14 28.37
N PHE A 118 32.69 -16.73 29.52
CA PHE A 118 31.28 -16.50 29.75
C PHE A 118 30.91 -15.04 29.50
N VAL A 119 31.80 -14.12 29.87
CA VAL A 119 31.63 -12.68 29.61
C VAL A 119 32.88 -12.19 28.90
N GLU A 120 32.71 -11.82 27.64
CA GLU A 120 33.76 -11.19 26.85
C GLU A 120 33.49 -9.70 26.77
N PHE A 121 34.50 -8.90 27.14
CA PHE A 121 34.46 -7.45 27.04
C PHE A 121 35.11 -7.05 25.73
N ARG A 122 34.33 -6.47 24.82
CA ARG A 122 34.85 -6.09 23.52
C ARG A 122 34.77 -4.59 23.41
N ASN A 123 35.39 -4.05 22.37
CA ASN A 123 35.45 -2.61 22.22
C ASN A 123 34.07 -1.93 22.15
N GLY A 124 33.09 -2.62 21.57
CA GLY A 124 31.75 -2.04 21.40
C GLY A 124 30.60 -2.73 22.12
N MET A 125 30.89 -3.77 22.91
CA MET A 125 29.83 -4.59 23.47
C MET A 125 30.37 -5.58 24.45
N PHE A 126 29.46 -6.04 25.31
CA PHE A 126 29.66 -7.27 26.05
C PHE A 126 29.07 -8.37 25.19
N ASN A 127 29.74 -9.51 25.17
CA ASN A 127 29.20 -10.75 24.62
C ASN A 127 29.10 -11.72 25.79
N VAL A 128 27.91 -12.24 26.03
CA VAL A 128 27.60 -13.03 27.22
C VAL A 128 27.10 -14.43 26.84
N SER A 129 27.71 -15.46 27.45
CA SER A 129 27.44 -16.85 27.08
C SER A 129 27.25 -17.71 28.33
N PRO A 130 26.05 -18.27 28.54
CA PRO A 130 25.79 -19.10 29.73
C PRO A 130 26.66 -20.36 29.80
N ILE A 131 26.93 -20.96 28.64
CA ILE A 131 27.77 -22.15 28.52
C ILE A 131 29.24 -21.78 28.41
N GLY A 132 29.51 -20.59 27.87
CA GLY A 132 30.82 -20.09 27.63
C GLY A 132 31.30 -20.43 26.23
N ARG A 133 32.02 -19.51 25.59
CA ARG A 133 32.48 -19.77 24.22
C ARG A 133 33.61 -20.74 24.04
N ASN A 134 34.28 -21.16 25.11
CA ASN A 134 35.29 -22.22 25.00
C ASN A 134 34.65 -23.65 24.94
N CYS A 135 33.44 -23.77 24.41
CA CYS A 135 32.84 -25.09 24.20
C CYS A 135 33.09 -25.55 22.79
N SER A 136 32.86 -26.85 22.58
CA SER A 136 32.98 -27.48 21.28
C SER A 136 31.73 -27.20 20.44
N GLN A 137 31.80 -27.53 19.16
CA GLN A 137 30.68 -27.27 18.25
C GLN A 137 29.48 -28.16 18.62
N GLN A 138 29.78 -29.41 18.96
CA GLN A 138 28.72 -30.32 19.40
C GLN A 138 28.07 -29.79 20.66
N GLU A 139 28.85 -29.12 21.50
CA GLU A 139 28.31 -28.52 22.70
C GLU A 139 27.44 -27.29 22.39
N ARG A 140 27.81 -26.55 21.34
CA ARG A 140 27.03 -25.40 20.89
C ARG A 140 25.68 -25.90 20.38
N ASP A 141 25.68 -27.00 19.61
CA ASP A 141 24.46 -27.58 19.08
C ASP A 141 23.56 -27.98 20.23
N GLU A 142 24.12 -28.72 21.19
CA GLU A 142 23.35 -29.16 22.35
C GLU A 142 22.75 -27.93 23.07
N PHE A 143 23.58 -26.94 23.37
CA PHE A 143 23.08 -25.80 24.15
C PHE A 143 21.95 -25.07 23.44
N GLU A 144 22.12 -24.86 22.14
CA GLU A 144 21.12 -24.18 21.33
C GLU A 144 19.77 -24.87 21.45
N ASN A 145 19.77 -26.20 21.40
CA ASN A 145 18.56 -26.98 21.57
C ASN A 145 18.00 -26.86 22.99
N LEU A 146 18.87 -26.98 24.00
CA LEU A 146 18.52 -26.73 25.42
C LEU A 146 17.90 -25.33 25.57
N ASP A 147 18.51 -24.34 24.91
CA ASP A 147 18.07 -22.97 25.03
C ASP A 147 16.66 -22.80 24.46
N LYS A 148 16.38 -23.34 23.27
CA LYS A 148 15.04 -23.22 22.66
C LYS A 148 13.90 -23.73 23.55
N GLU A 149 14.20 -24.76 24.33
CA GLU A 149 13.27 -25.33 25.29
C GLU A 149 13.18 -24.48 26.58
N ARG A 150 14.33 -24.07 27.13
CA ARG A 150 14.38 -23.46 28.46
C ARG A 150 14.53 -21.92 28.48
N HIS A 151 14.81 -21.34 27.31
CA HIS A 151 14.95 -19.87 27.15
C HIS A 151 15.93 -19.24 28.16
N ILE A 152 17.10 -19.85 28.25
CA ILE A 152 18.13 -19.45 29.22
C ILE A 152 18.65 -18.03 28.91
N ARG A 153 18.94 -17.80 27.63
CA ARG A 153 19.46 -16.49 27.20
C ARG A 153 18.42 -15.36 27.34
N GLU A 154 17.17 -15.62 26.99
CA GLU A 154 16.10 -14.61 27.14
C GLU A 154 15.87 -14.24 28.62
N LYS A 155 15.95 -15.23 29.51
CA LYS A 155 15.77 -15.03 30.96
C LYS A 155 16.89 -14.14 31.52
N LEU A 156 18.11 -14.41 31.10
CA LEU A 156 19.23 -13.58 31.52
C LEU A 156 19.09 -12.10 31.07
N ILE A 157 18.70 -11.90 29.81
CA ILE A 157 18.44 -10.58 29.24
C ILE A 157 17.38 -9.83 30.06
N ARG A 158 16.26 -10.49 30.33
CA ARG A 158 15.22 -9.93 31.21
C ARG A 158 15.82 -9.49 32.54
N GLU A 159 16.64 -10.34 33.12
CA GLU A 159 17.23 -10.08 34.43
C GLU A 159 18.15 -8.85 34.40
N LEU A 160 18.95 -8.71 33.33
CA LEU A 160 19.88 -7.61 33.21
C LEU A 160 19.17 -6.29 32.84
N LYS A 161 18.12 -6.38 32.01
CA LYS A 161 17.32 -5.23 31.68
C LYS A 161 16.63 -4.68 32.92
N GLU A 162 16.15 -5.56 33.80
CA GLU A 162 15.45 -5.11 35.02
C GLU A 162 16.41 -4.57 36.10
N ALA A 163 17.61 -5.13 36.16
CA ALA A 163 18.63 -4.71 37.08
C ALA A 163 19.24 -3.34 36.72
N PHE A 164 19.46 -3.09 35.43
CA PHE A 164 20.21 -1.93 34.98
C PHE A 164 19.49 -1.12 33.92
N PRO A 165 18.27 -0.69 34.18
CA PRO A 165 17.50 0.05 33.18
C PRO A 165 18.18 1.39 32.85
N ASP A 166 18.72 2.03 33.88
CA ASP A 166 19.49 3.27 33.76
C ASP A 166 20.76 3.16 32.89
N TYR A 167 21.23 1.96 32.60
CA TYR A 167 22.41 1.84 31.73
C TYR A 167 22.06 2.04 30.25
N GLN A 168 20.78 1.98 29.90
CA GLN A 168 20.32 2.23 28.53
C GLN A 168 21.09 1.35 27.51
N LEU A 169 20.89 0.04 27.66
CA LEU A 169 21.59 -0.96 26.87
C LEU A 169 20.59 -1.66 26.01
N ALA A 170 20.98 -1.97 24.78
CA ALA A 170 20.22 -2.88 23.93
C ALA A 170 20.85 -4.27 24.01
N TYR A 171 20.04 -5.27 23.70
CA TYR A 171 20.39 -6.70 23.87
C TYR A 171 20.03 -7.46 22.60
N SER A 172 20.93 -8.33 22.13
CA SER A 172 20.74 -9.05 20.87
C SER A 172 21.16 -10.53 20.96
N VAL A 173 20.21 -11.44 20.75
CA VAL A 173 20.53 -12.87 20.75
C VAL A 173 21.34 -13.25 19.51
N GLY A 174 22.40 -14.01 19.77
CA GLY A 174 23.40 -14.39 18.78
C GLY A 174 23.09 -15.77 18.28
N GLY A 175 23.99 -16.28 17.45
CA GLY A 175 23.88 -17.62 16.95
C GLY A 175 23.33 -18.58 17.97
N GLN A 176 24.20 -19.37 18.57
CA GLN A 176 23.76 -20.54 19.31
C GLN A 176 23.95 -20.41 20.81
N ILE A 177 24.99 -19.68 21.23
CA ILE A 177 25.40 -19.74 22.61
C ILE A 177 25.45 -18.41 23.34
N SER A 178 25.19 -17.29 22.66
CA SER A 178 25.44 -15.97 23.26
C SER A 178 24.43 -14.88 22.91
N PHE A 179 24.56 -13.78 23.64
CA PHE A 179 23.92 -12.53 23.30
C PHE A 179 24.87 -11.37 23.49
N ASP A 180 24.63 -10.34 22.67
CA ASP A 180 25.38 -9.10 22.71
C ASP A 180 24.60 -8.03 23.50
N VAL A 181 25.35 -7.20 24.21
CA VAL A 181 24.82 -6.12 25.04
C VAL A 181 25.62 -4.85 24.66
N PHE A 182 24.92 -3.82 24.24
CA PHE A 182 25.57 -2.61 23.77
C PHE A 182 24.66 -1.42 24.07
N PRO A 183 25.20 -0.22 24.20
CA PRO A 183 24.38 0.96 24.38
C PRO A 183 23.33 1.09 23.27
N LYS A 184 22.14 1.50 23.67
CA LYS A 184 21.11 1.76 22.70
C LYS A 184 21.65 2.74 21.66
N GLY A 185 21.41 2.42 20.39
CA GLY A 185 21.83 3.27 19.28
C GLY A 185 23.14 2.86 18.64
N TRP A 186 23.78 1.84 19.23
CA TRP A 186 25.11 1.44 18.75
C TRP A 186 24.99 0.37 17.65
N ASP A 187 23.83 0.29 17.03
CA ASP A 187 23.64 -0.43 15.76
C ASP A 187 24.17 0.41 14.59
N LYS A 188 23.93 -0.03 13.35
CA LYS A 188 24.46 0.67 12.18
C LYS A 188 24.03 2.14 12.05
N THR A 189 22.91 2.53 12.67
CA THR A 189 22.49 3.92 12.59
C THR A 189 23.48 4.85 13.26
N TYR A 190 24.31 4.30 14.15
CA TYR A 190 25.38 5.06 14.76
C TYR A 190 26.22 5.88 13.75
N CYS A 191 26.41 5.38 12.55
CA CYS A 191 27.24 6.08 11.56
C CYS A 191 26.54 7.29 10.92
N LEU A 192 25.21 7.35 11.03
CA LEU A 192 24.43 8.32 10.27
C LEU A 192 24.72 9.77 10.69
N GLN A 193 24.98 9.96 11.98
CA GLN A 193 25.39 11.25 12.54
C GLN A 193 26.62 11.83 11.83
N PHE A 194 27.46 10.96 11.28
CA PHE A 194 28.67 11.39 10.58
C PHE A 194 28.51 11.74 9.09
N VAL A 195 27.37 11.42 8.48
CA VAL A 195 27.10 11.80 7.07
C VAL A 195 25.83 12.66 6.85
N GLU A 196 24.95 12.61 7.84
CA GLU A 196 23.68 13.33 7.92
C GLU A 196 23.66 14.75 7.36
N ASN A 197 24.65 15.55 7.76
CA ASN A 197 24.67 16.97 7.41
C ASN A 197 25.51 17.30 6.16
N ASP A 198 25.92 16.27 5.42
CA ASP A 198 26.78 16.44 4.23
C ASP A 198 26.18 15.85 2.94
N PHE A 199 25.02 15.20 3.04
CA PHE A 199 24.39 14.56 1.87
C PHE A 199 22.89 14.75 1.88
N GLU A 200 22.35 15.16 0.74
CA GLU A 200 20.90 15.21 0.51
C GLU A 200 20.32 13.81 0.49
N THR A 201 21.01 12.89 -0.19
CA THR A 201 20.50 11.52 -0.34
C THR A 201 21.54 10.48 0.13
N ILE A 202 21.07 9.60 1.01
CA ILE A 202 21.86 8.54 1.57
C ILE A 202 21.16 7.25 1.22
N HIS A 203 21.72 6.51 0.28
CA HIS A 203 21.29 5.13 0.01
C HIS A 203 21.93 4.20 1.01
N PHE A 204 21.18 3.20 1.46
CA PHE A 204 21.80 2.15 2.25
C PHE A 204 21.48 0.80 1.62
N PHE A 205 22.51 -0.03 1.50
CA PHE A 205 22.40 -1.38 0.90
C PHE A 205 22.75 -2.40 1.95
N GLY A 206 21.92 -3.42 2.07
CA GLY A 206 22.06 -4.39 3.12
C GLY A 206 21.26 -5.60 2.78
N ASP A 207 21.67 -6.74 3.32
CA ASP A 207 21.08 -8.01 2.98
C ASP A 207 20.38 -8.67 4.17
N LYS A 208 20.36 -7.99 5.30
CA LYS A 208 19.90 -8.57 6.55
C LYS A 208 18.96 -7.53 7.16
N THR A 209 18.00 -7.09 6.35
CA THR A 209 17.20 -5.88 6.62
C THR A 209 15.86 -6.11 7.31
N SER A 210 15.51 -7.38 7.61
CA SER A 210 14.26 -7.69 8.28
C SER A 210 14.46 -7.57 9.78
N GLU A 211 13.35 -7.51 10.53
CA GLU A 211 13.42 -7.36 11.98
C GLU A 211 14.37 -8.40 12.59
N GLY A 212 15.35 -7.95 13.38
CA GLY A 212 16.32 -8.84 14.01
C GLY A 212 17.62 -9.01 13.24
N GLY A 213 17.63 -8.59 11.97
CA GLY A 213 18.85 -8.51 11.20
C GLY A 213 19.61 -7.25 11.53
N ASN A 214 20.94 -7.30 11.46
CA ASN A 214 21.76 -6.16 11.87
C ASN A 214 21.78 -4.99 10.87
N ASP A 215 21.04 -5.14 9.76
CA ASP A 215 20.83 -4.07 8.80
C ASP A 215 19.47 -3.38 8.96
N TYR A 216 18.69 -3.83 9.94
CA TYR A 216 17.29 -3.42 10.07
C TYR A 216 17.06 -1.94 10.40
N GLU A 217 17.83 -1.42 11.35
CA GLU A 217 17.56 -0.11 11.91
C GLU A 217 18.01 0.93 10.92
N ILE A 218 19.17 0.67 10.32
CA ILE A 218 19.71 1.58 9.31
C ILE A 218 18.87 1.62 8.02
N PHE A 219 18.29 0.47 7.65
CA PHE A 219 17.41 0.37 6.51
C PHE A 219 16.10 1.13 6.72
N THR A 220 15.51 0.90 7.88
CA THR A 220 14.23 1.45 8.26
C THR A 220 14.32 2.95 8.57
N ASP A 221 15.51 3.40 8.95
CA ASP A 221 15.73 4.80 9.35
C ASP A 221 15.29 5.71 8.21
N SER A 222 14.52 6.75 8.56
CA SER A 222 13.96 7.68 7.60
C SER A 222 15.01 8.54 6.88
N ARG A 223 16.25 8.57 7.35
CA ARG A 223 17.30 9.33 6.67
C ARG A 223 17.89 8.60 5.45
N THR A 224 17.44 7.38 5.23
CA THR A 224 18.13 6.42 4.41
C THR A 224 17.16 5.95 3.30
N ILE A 225 17.66 5.86 2.07
CA ILE A 225 16.99 5.13 1.01
C ILE A 225 17.51 3.70 1.04
N GLY A 226 16.71 2.79 1.61
CA GLY A 226 17.17 1.44 1.90
C GLY A 226 16.98 0.58 0.70
N HIS A 227 17.95 -0.30 0.45
CA HIS A 227 17.86 -1.32 -0.59
C HIS A 227 18.22 -2.66 0.03
N SER A 228 17.24 -3.54 0.10
CA SER A 228 17.44 -4.91 0.56
C SER A 228 17.96 -5.77 -0.57
N VAL A 229 19.17 -6.29 -0.42
CA VAL A 229 19.71 -7.20 -1.42
C VAL A 229 19.73 -8.64 -0.92
N LYS A 230 19.63 -9.58 -1.85
CA LYS A 230 19.86 -10.98 -1.52
C LYS A 230 21.34 -11.31 -1.68
N THR A 231 21.97 -10.76 -2.71
CA THR A 231 23.41 -10.96 -2.95
C THR A 231 24.04 -9.71 -3.52
N TYR A 232 25.36 -9.69 -3.48
CA TYR A 232 26.15 -8.61 -4.07
C TYR A 232 25.85 -8.43 -5.57
N LYS A 233 25.46 -9.50 -6.25
CA LYS A 233 25.05 -9.37 -7.65
C LYS A 233 23.79 -8.51 -7.81
N ASP A 234 22.95 -8.43 -6.78
CA ASP A 234 21.80 -7.52 -6.80
C ASP A 234 22.25 -6.10 -6.53
N THR A 235 23.23 -5.96 -5.63
CA THR A 235 23.85 -4.67 -5.37
C THR A 235 24.35 -4.04 -6.66
N ILE A 236 25.00 -4.85 -7.49
CA ILE A 236 25.57 -4.40 -8.76
C ILE A 236 24.46 -3.95 -9.69
N ALA A 237 23.40 -4.77 -9.75
CA ALA A 237 22.26 -4.48 -10.57
C ALA A 237 21.61 -3.17 -10.18
N ILE A 238 21.43 -2.93 -8.86
CA ILE A 238 20.81 -1.69 -8.41
C ILE A 238 21.69 -0.53 -8.83
N LEU A 239 23.00 -0.67 -8.62
CA LEU A 239 23.98 0.37 -8.96
C LEU A 239 24.01 0.66 -10.45
N GLU A 240 24.05 -0.38 -11.28
CA GLU A 240 24.00 -0.19 -12.72
C GLU A 240 22.75 0.61 -13.11
N ALA A 241 21.62 0.29 -12.49
CA ALA A 241 20.37 0.98 -12.75
C ALA A 241 20.39 2.42 -12.27
N LEU A 242 20.99 2.65 -11.11
CA LEU A 242 21.20 4.02 -10.62
C LEU A 242 22.06 4.82 -11.59
N LEU A 243 23.05 4.15 -12.17
CA LEU A 243 23.98 4.81 -13.09
C LEU A 243 23.44 4.89 -14.52
N GLU A 244 22.61 3.93 -14.94
CA GLU A 244 22.07 3.97 -16.30
C GLU A 244 21.19 5.21 -16.43
N ASP A 245 20.39 5.48 -15.39
CA ASP A 245 19.48 6.64 -15.35
C ASP A 245 18.72 6.83 -16.69
N LYS B 4 -8.34 2.25 -44.99
CA LYS B 4 -8.35 1.62 -43.63
C LYS B 4 -7.74 2.58 -42.64
N ALA B 5 -8.61 3.37 -42.01
CA ALA B 5 -8.21 4.41 -41.07
C ALA B 5 -8.88 4.20 -39.74
N ILE B 6 -8.11 4.36 -38.67
CA ILE B 6 -8.65 4.41 -37.34
C ILE B 6 -8.26 5.73 -36.70
N LEU B 7 -9.20 6.28 -35.94
CA LEU B 7 -8.99 7.47 -35.12
C LEU B 7 -8.97 7.10 -33.65
N LEU B 8 -7.84 7.33 -33.00
CA LEU B 8 -7.67 7.02 -31.63
C LEU B 8 -7.66 8.30 -30.84
N PHE B 9 -8.30 8.31 -29.67
CA PHE B 9 -8.38 9.52 -28.84
C PHE B 9 -8.05 9.23 -27.41
N ASP B 10 -7.24 10.09 -26.80
CA ASP B 10 -7.25 10.22 -25.35
C ASP B 10 -8.64 10.66 -24.95
N VAL B 11 -8.97 10.51 -23.67
CA VAL B 11 -10.30 10.80 -23.17
C VAL B 11 -10.39 12.16 -22.47
N ASP B 12 -9.94 12.22 -21.23
CA ASP B 12 -10.11 13.43 -20.49
C ASP B 12 -9.39 14.59 -21.19
N GLY B 13 -10.07 15.70 -21.42
CA GLY B 13 -9.46 16.87 -22.04
C GLY B 13 -9.29 16.82 -23.56
N THR B 14 -9.61 15.69 -24.16
CA THR B 14 -9.55 15.47 -25.60
C THR B 14 -10.95 15.24 -26.18
N LEU B 15 -11.74 14.39 -25.48
CA LEU B 15 -13.14 14.20 -25.81
C LEU B 15 -14.08 14.89 -24.83
N THR B 16 -13.54 15.44 -23.74
CA THR B 16 -14.35 16.02 -22.66
C THR B 16 -13.74 17.34 -22.23
N PRO B 17 -14.49 18.15 -21.50
CA PRO B 17 -13.85 19.15 -20.65
C PRO B 17 -13.05 18.43 -19.54
N PRO B 18 -11.95 18.99 -19.07
CA PRO B 18 -11.15 18.29 -18.06
C PRO B 18 -11.96 18.07 -16.78
N ARG B 19 -11.84 16.86 -16.23
CA ARG B 19 -12.56 16.42 -15.03
C ARG B 19 -14.09 16.39 -15.21
N ASN B 20 -14.59 16.46 -16.45
CA ASN B 20 -16.04 16.45 -16.75
C ASN B 20 -16.38 15.42 -17.84
N PRO B 21 -17.67 15.07 -17.99
CA PRO B 21 -18.13 14.11 -19.02
C PRO B 21 -18.30 14.62 -20.46
N GLU B 22 -18.10 13.71 -21.43
CA GLU B 22 -18.29 13.96 -22.86
C GLU B 22 -19.64 14.58 -23.18
N THR B 23 -19.66 15.39 -24.23
CA THR B 23 -20.73 16.32 -24.51
C THR B 23 -21.45 15.87 -25.78
N HIS B 24 -22.64 16.40 -26.05
CA HIS B 24 -23.43 15.96 -27.21
C HIS B 24 -22.76 16.25 -28.57
N ASP B 25 -22.08 17.39 -28.67
CA ASP B 25 -21.36 17.78 -29.88
C ASP B 25 -20.19 16.86 -30.19
N MET B 26 -19.48 16.42 -29.15
CA MET B 26 -18.37 15.50 -29.33
C MET B 26 -18.91 14.18 -29.86
N LYS B 27 -19.94 13.68 -29.17
CA LYS B 27 -20.64 12.44 -29.57
C LYS B 27 -21.06 12.46 -31.04
N GLU B 28 -21.70 13.55 -31.42
CA GLU B 28 -22.23 13.70 -32.77
C GLU B 28 -21.12 13.80 -33.80
N ALA B 29 -20.00 14.45 -33.47
CA ALA B 29 -18.87 14.51 -34.38
C ALA B 29 -18.28 13.12 -34.62
N LEU B 30 -18.19 12.29 -33.56
CA LEU B 30 -17.67 10.92 -33.69
C LEU B 30 -18.60 9.99 -34.50
N LEU B 31 -19.91 10.15 -34.30
CA LEU B 31 -20.91 9.48 -35.14
C LEU B 31 -20.74 9.79 -36.62
N LYS B 32 -20.48 11.06 -36.94
CA LYS B 32 -20.22 11.44 -38.32
C LYS B 32 -18.94 10.77 -38.82
N ALA B 33 -17.87 10.74 -38.02
CA ALA B 33 -16.64 10.10 -38.47
C ALA B 33 -16.90 8.62 -38.74
N ARG B 34 -17.66 7.99 -37.86
CA ARG B 34 -17.92 6.57 -38.01
C ARG B 34 -18.80 6.30 -39.27
N ALA B 35 -19.70 7.21 -39.61
CA ALA B 35 -20.54 7.04 -40.79
C ALA B 35 -19.74 7.25 -42.08
N ALA B 36 -18.57 7.88 -41.96
CA ALA B 36 -17.69 8.04 -43.11
C ALA B 36 -16.68 6.89 -43.24
N GLY B 37 -16.78 5.86 -42.40
CA GLY B 37 -15.97 4.68 -42.56
C GLY B 37 -14.75 4.61 -41.65
N PHE B 38 -14.55 5.63 -40.80
CA PHE B 38 -13.46 5.60 -39.86
C PHE B 38 -13.78 4.68 -38.68
N LYS B 39 -12.80 3.89 -38.24
CA LYS B 39 -12.96 3.16 -37.00
C LYS B 39 -12.53 4.08 -35.86
N LEU B 40 -13.09 3.86 -34.68
CA LEU B 40 -12.85 4.73 -33.53
C LEU B 40 -12.30 3.94 -32.37
N GLY B 41 -11.35 4.53 -31.66
CA GLY B 41 -10.83 3.91 -30.46
C GLY B 41 -10.51 4.99 -29.44
N VAL B 42 -10.61 4.64 -28.17
CA VAL B 42 -10.09 5.48 -27.10
C VAL B 42 -8.95 4.77 -26.40
N VAL B 43 -8.01 5.57 -25.92
CA VAL B 43 -6.92 5.06 -25.11
C VAL B 43 -6.67 6.05 -23.98
N GLY B 44 -6.69 5.55 -22.77
CA GLY B 44 -6.52 6.39 -21.60
C GLY B 44 -5.81 5.63 -20.53
N GLY B 45 -5.17 6.38 -19.66
CA GLY B 45 -4.46 5.79 -18.54
C GLY B 45 -5.42 5.33 -17.44
N SER B 46 -6.66 5.82 -17.49
CA SER B 46 -7.64 5.52 -16.43
C SER B 46 -8.21 4.13 -16.62
N ASP B 47 -8.85 3.58 -15.59
CA ASP B 47 -9.51 2.29 -15.71
C ASP B 47 -10.82 2.46 -16.50
N PHE B 48 -11.37 1.33 -16.90
CA PHE B 48 -12.53 1.28 -17.76
C PHE B 48 -13.76 1.98 -17.11
N ALA B 49 -14.00 1.75 -15.84
CA ALA B 49 -15.09 2.42 -15.14
C ALA B 49 -14.98 3.93 -15.26
N LYS B 50 -13.78 4.49 -15.13
CA LYS B 50 -13.63 5.93 -15.29
C LYS B 50 -13.93 6.40 -16.73
N GLN B 51 -13.48 5.63 -17.71
CA GLN B 51 -13.77 5.96 -19.12
C GLN B 51 -15.28 5.94 -19.37
N LYS B 52 -15.94 4.92 -18.83
CA LYS B 52 -17.39 4.81 -18.96
C LYS B 52 -18.13 5.96 -18.27
N GLU B 53 -17.68 6.37 -17.08
CA GLU B 53 -18.21 7.57 -16.42
C GLU B 53 -18.11 8.81 -17.35
N GLN B 54 -17.00 8.94 -18.09
CA GLN B 54 -16.78 10.13 -18.92
C GLN B 54 -17.47 10.04 -20.29
N LEU B 55 -17.41 8.87 -20.92
CA LEU B 55 -17.95 8.70 -22.25
C LEU B 55 -19.40 8.19 -22.28
N GLY B 56 -19.95 7.78 -21.14
CA GLY B 56 -21.29 7.21 -21.05
C GLY B 56 -21.37 5.68 -21.03
N GLU B 57 -22.54 5.18 -20.66
CA GLU B 57 -22.85 3.75 -20.55
C GLU B 57 -22.61 2.96 -21.84
N SER B 58 -22.88 3.59 -22.97
CA SER B 58 -22.77 2.95 -24.28
C SER B 58 -21.35 2.96 -24.86
N ILE B 59 -20.35 3.25 -24.04
CA ILE B 59 -18.99 3.40 -24.49
C ILE B 59 -18.51 2.29 -25.43
N LEU B 60 -18.79 1.03 -25.09
CA LEU B 60 -18.37 -0.11 -25.94
C LEU B 60 -19.12 -0.25 -27.28
N GLU B 61 -20.32 0.33 -27.38
CA GLU B 61 -21.04 0.41 -28.68
C GLU B 61 -20.70 1.68 -29.44
N ASP B 62 -20.11 2.66 -28.77
CA ASP B 62 -19.72 3.93 -29.38
C ASP B 62 -18.31 3.95 -29.98
N PHE B 63 -17.44 3.07 -29.50
CA PHE B 63 -16.08 2.94 -30.02
C PHE B 63 -15.81 1.50 -30.43
N ASP B 64 -15.07 1.34 -31.53
CA ASP B 64 -14.65 0.00 -31.96
C ASP B 64 -13.61 -0.61 -31.03
N TYR B 65 -12.66 0.21 -30.58
CA TYR B 65 -11.67 -0.22 -29.61
C TYR B 65 -11.75 0.66 -28.36
N VAL B 66 -11.61 0.04 -27.19
CA VAL B 66 -11.48 0.73 -25.90
C VAL B 66 -10.24 0.22 -25.18
N PHE B 67 -9.24 1.07 -25.12
CA PHE B 67 -7.94 0.75 -24.51
C PHE B 67 -7.92 1.42 -23.18
N SER B 68 -8.27 0.66 -22.15
CA SER B 68 -8.22 1.17 -20.79
C SER B 68 -6.82 0.85 -20.24
N GLU B 69 -6.34 1.69 -19.32
CA GLU B 69 -5.02 1.54 -18.73
C GLU B 69 -3.94 1.38 -19.81
N ASN B 70 -3.96 2.30 -20.78
CA ASN B 70 -2.98 2.35 -21.86
C ASN B 70 -3.08 1.20 -22.86
N GLY B 71 -4.14 0.41 -22.75
CA GLY B 71 -4.36 -0.78 -23.53
C GLY B 71 -4.01 -2.06 -22.82
N LEU B 72 -3.64 -1.96 -21.55
CA LEU B 72 -3.36 -3.11 -20.72
C LEU B 72 -4.63 -3.87 -20.37
N LEU B 73 -5.79 -3.24 -20.49
CA LEU B 73 -7.05 -3.97 -20.56
C LEU B 73 -7.79 -3.39 -21.75
N ALA B 74 -7.99 -4.20 -22.78
CA ALA B 74 -8.46 -3.72 -24.08
C ALA B 74 -9.71 -4.42 -24.51
N TYR B 75 -10.62 -3.65 -25.11
CA TYR B 75 -11.83 -4.20 -25.66
C TYR B 75 -11.87 -3.93 -27.15
N LYS B 76 -12.51 -4.85 -27.88
CA LYS B 76 -12.79 -4.69 -29.30
C LYS B 76 -14.15 -5.26 -29.62
N ASP B 77 -14.92 -4.48 -30.38
CA ASP B 77 -16.26 -4.87 -30.81
C ASP B 77 -17.07 -5.27 -29.60
N GLY B 78 -16.91 -4.52 -28.52
CA GLY B 78 -17.66 -4.77 -27.28
C GLY B 78 -17.18 -5.92 -26.40
N LYS B 79 -16.05 -6.54 -26.74
CA LYS B 79 -15.59 -7.72 -26.01
C LYS B 79 -14.15 -7.53 -25.57
N GLU B 80 -13.84 -7.92 -24.34
CA GLU B 80 -12.44 -7.86 -23.85
C GLU B 80 -11.59 -8.77 -24.72
N PHE B 81 -10.43 -8.34 -25.22
CA PHE B 81 -9.59 -9.28 -25.96
C PHE B 81 -8.13 -9.27 -25.47
N HIS B 82 -7.79 -8.42 -24.52
CA HIS B 82 -6.43 -8.42 -23.97
C HIS B 82 -6.45 -7.89 -22.57
N ARG B 83 -5.72 -8.56 -21.68
CA ARG B 83 -5.57 -8.12 -20.30
C ARG B 83 -4.18 -8.49 -19.85
N ASN B 84 -3.31 -7.53 -19.61
CA ASN B 84 -1.99 -7.86 -19.10
C ASN B 84 -2.07 -7.74 -17.57
N SER B 85 -0.98 -8.04 -16.90
CA SER B 85 -0.98 -8.07 -15.46
C SER B 85 0.30 -7.46 -14.92
N LEU B 86 0.15 -6.34 -14.20
CA LEU B 86 1.23 -5.78 -13.41
C LEU B 86 1.88 -6.81 -12.44
N LEU B 87 1.05 -7.61 -11.78
CA LEU B 87 1.54 -8.61 -10.81
C LEU B 87 2.45 -9.61 -11.49
N ARG B 88 2.04 -10.09 -12.66
CA ARG B 88 2.88 -11.02 -13.39
C ARG B 88 4.19 -10.39 -13.90
N ALA B 89 4.14 -9.11 -14.30
CA ALA B 89 5.34 -8.39 -14.76
C ALA B 89 6.36 -8.21 -13.66
N LEU B 90 5.94 -7.75 -12.49
CA LEU B 90 6.84 -7.53 -11.34
C LEU B 90 7.05 -8.69 -10.39
N GLY B 91 6.01 -9.50 -10.20
CA GLY B 91 6.05 -10.50 -9.13
C GLY B 91 5.58 -9.89 -7.80
N ASN B 92 5.04 -10.74 -6.92
CA ASN B 92 4.46 -10.31 -5.66
C ASN B 92 5.48 -9.59 -4.78
N GLU B 93 6.72 -10.07 -4.80
CA GLU B 93 7.75 -9.53 -3.89
C GLU B 93 7.99 -8.07 -4.22
N LYS B 94 8.18 -7.75 -5.50
CA LYS B 94 8.36 -6.37 -5.90
C LYS B 94 7.11 -5.52 -5.74
N VAL B 95 5.95 -6.12 -5.98
CA VAL B 95 4.70 -5.39 -5.78
C VAL B 95 4.59 -4.94 -4.31
N VAL B 96 4.77 -5.88 -3.40
CA VAL B 96 4.63 -5.59 -1.99
C VAL B 96 5.71 -4.53 -1.54
N ALA B 97 6.96 -4.69 -1.97
CA ALA B 97 8.05 -3.74 -1.66
C ALA B 97 7.68 -2.35 -2.17
N PHE B 98 7.12 -2.29 -3.38
CA PHE B 98 6.77 -0.99 -3.98
C PHE B 98 5.67 -0.31 -3.20
N VAL B 99 4.62 -1.04 -2.89
CA VAL B 99 3.44 -0.47 -2.21
C VAL B 99 3.76 -0.03 -0.78
N LYS B 100 4.55 -0.84 -0.10
CA LYS B 100 5.00 -0.55 1.25
C LYS B 100 5.81 0.74 1.28
N LYS B 101 6.69 0.92 0.32
CA LYS B 101 7.46 2.17 0.19
C LYS B 101 6.56 3.39 -0.09
N CYS B 102 5.59 3.26 -0.99
CA CYS B 102 4.59 4.30 -1.20
C CYS B 102 3.90 4.66 0.09
N LEU B 103 3.50 3.64 0.87
CA LEU B 103 2.71 3.87 2.06
C LEU B 103 3.53 4.63 3.12
N HIS B 104 4.80 4.21 3.31
CA HIS B 104 5.72 4.87 4.24
C HIS B 104 5.93 6.33 3.84
N LEU B 105 6.17 6.54 2.55
CA LEU B 105 6.46 7.88 2.01
C LEU B 105 5.25 8.77 2.17
N ILE B 106 4.06 8.27 1.83
CA ILE B 106 2.85 9.09 1.94
C ILE B 106 2.44 9.37 3.40
N ALA B 107 2.61 8.38 4.26
CA ALA B 107 2.34 8.56 5.68
C ALA B 107 3.23 9.65 6.28
N ASP B 108 4.46 9.76 5.80
CA ASP B 108 5.45 10.73 6.34
C ASP B 108 5.26 12.15 5.82
N LEU B 109 4.43 12.31 4.80
CA LEU B 109 4.27 13.60 4.13
C LEU B 109 3.67 14.70 5.01
N ASP B 110 4.32 15.85 5.00
CA ASP B 110 3.75 16.99 5.67
C ASP B 110 2.94 17.82 4.70
N ILE B 111 1.76 17.30 4.36
CA ILE B 111 0.75 18.02 3.61
C ILE B 111 -0.53 18.05 4.45
N PRO B 112 -1.30 19.13 4.36
CA PRO B 112 -2.37 19.40 5.32
C PRO B 112 -3.59 18.50 5.17
N VAL B 113 -3.86 18.01 3.96
CA VAL B 113 -5.07 17.25 3.70
C VAL B 113 -4.76 15.87 3.09
N GLN B 114 -5.29 14.83 3.73
CA GLN B 114 -5.22 13.46 3.24
C GLN B 114 -6.54 12.76 3.59
N ARG B 115 -7.00 11.93 2.66
CA ARG B 115 -8.28 11.24 2.77
C ARG B 115 -8.12 9.74 2.69
N GLY B 116 -8.07 9.20 1.46
CA GLY B 116 -8.14 7.77 1.28
C GLY B 116 -7.82 7.34 -0.13
N THR B 117 -7.47 6.06 -0.25
CA THR B 117 -7.03 5.47 -1.55
C THR B 117 -5.80 6.18 -2.11
N PHE B 118 -4.69 5.96 -1.40
CA PHE B 118 -3.41 6.53 -1.70
C PHE B 118 -2.62 5.69 -2.70
N VAL B 119 -2.83 4.39 -2.66
CA VAL B 119 -2.12 3.52 -3.56
C VAL B 119 -3.14 2.59 -4.16
N GLU B 120 -3.51 2.82 -5.40
CA GLU B 120 -4.46 1.96 -6.10
C GLU B 120 -3.71 0.97 -7.02
N PHE B 121 -4.02 -0.33 -6.89
CA PHE B 121 -3.46 -1.41 -7.69
C PHE B 121 -4.48 -1.76 -8.77
N ARG B 122 -4.15 -1.45 -10.04
CA ARG B 122 -5.03 -1.72 -11.15
C ARG B 122 -4.45 -2.95 -11.89
N ASN B 123 -5.03 -3.28 -13.02
CA ASN B 123 -4.57 -4.41 -13.84
C ASN B 123 -3.13 -4.27 -14.29
N GLY B 124 -2.82 -3.10 -14.84
CA GLY B 124 -1.58 -2.87 -15.51
C GLY B 124 -0.67 -1.86 -14.88
N MET B 125 -1.09 -1.26 -13.77
CA MET B 125 -0.38 -0.12 -13.25
C MET B 125 -0.76 0.19 -11.80
N PHE B 126 0.13 0.90 -11.11
CA PHE B 126 -0.24 1.55 -9.84
C PHE B 126 -0.71 2.97 -10.16
N ASN B 127 -1.64 3.48 -9.36
CA ASN B 127 -1.98 4.88 -9.36
C ASN B 127 -1.75 5.36 -7.93
N VAL B 128 -0.87 6.33 -7.77
CA VAL B 128 -0.43 6.78 -6.44
C VAL B 128 -0.88 8.25 -6.25
N SER B 129 -1.55 8.52 -5.14
CA SER B 129 -1.99 9.88 -4.78
C SER B 129 -1.57 10.22 -3.35
N PRO B 130 -0.79 11.29 -3.17
CA PRO B 130 -0.45 11.79 -1.83
C PRO B 130 -1.62 12.24 -0.95
N ILE B 131 -2.63 12.83 -1.57
CA ILE B 131 -3.86 13.27 -0.90
C ILE B 131 -4.91 12.14 -0.81
N GLY B 132 -4.93 11.30 -1.84
CA GLY B 132 -5.86 10.20 -1.90
C GLY B 132 -7.01 10.45 -2.84
N ARG B 133 -7.34 9.42 -3.63
CA ARG B 133 -8.37 9.51 -4.65
C ARG B 133 -9.76 9.67 -4.05
N ASN B 134 -9.93 9.37 -2.77
CA ASN B 134 -11.25 9.56 -2.14
C ASN B 134 -11.55 11.01 -1.70
N CYS B 135 -10.67 11.97 -2.04
CA CYS B 135 -10.86 13.37 -1.70
C CYS B 135 -11.90 13.99 -2.61
N SER B 136 -12.58 15.01 -2.10
CA SER B 136 -13.56 15.76 -2.90
C SER B 136 -12.91 16.55 -4.02
N GLN B 137 -13.71 17.02 -4.97
CA GLN B 137 -13.23 17.84 -6.07
C GLN B 137 -12.60 19.17 -5.62
N GLN B 138 -13.19 19.80 -4.61
CA GLN B 138 -12.59 21.04 -4.12
C GLN B 138 -11.25 20.73 -3.45
N GLU B 139 -11.14 19.55 -2.80
CA GLU B 139 -9.89 19.14 -2.18
C GLU B 139 -8.82 18.86 -3.23
N ARG B 140 -9.22 18.39 -4.40
CA ARG B 140 -8.31 18.19 -5.52
C ARG B 140 -7.75 19.52 -6.04
N ASP B 141 -8.65 20.50 -6.22
CA ASP B 141 -8.26 21.84 -6.66
C ASP B 141 -7.25 22.46 -5.68
N GLU B 142 -7.53 22.28 -4.39
CA GLU B 142 -6.65 22.76 -3.33
C GLU B 142 -5.28 22.07 -3.48
N PHE B 143 -5.29 20.77 -3.75
CA PHE B 143 -4.03 20.03 -3.81
C PHE B 143 -3.17 20.41 -5.01
N GLU B 144 -3.82 20.56 -6.16
CA GLU B 144 -3.18 21.06 -7.34
C GLU B 144 -2.36 22.34 -7.04
N ASN B 145 -3.00 23.35 -6.46
CA ASN B 145 -2.30 24.57 -6.05
C ASN B 145 -1.09 24.29 -5.16
N LEU B 146 -1.30 23.41 -4.20
CA LEU B 146 -0.26 23.10 -3.21
C LEU B 146 0.93 22.44 -3.92
N ASP B 147 0.60 21.57 -4.86
CA ASP B 147 1.59 20.77 -5.59
C ASP B 147 2.41 21.56 -6.61
N LYS B 148 1.80 22.57 -7.24
CA LYS B 148 2.52 23.45 -8.18
C LYS B 148 3.55 24.31 -7.44
N GLU B 149 3.23 24.60 -6.19
CA GLU B 149 4.14 25.33 -5.31
C GLU B 149 5.24 24.42 -4.75
N ARG B 150 4.87 23.23 -4.28
CA ARG B 150 5.77 22.34 -3.52
C ARG B 150 6.33 21.09 -4.26
N HIS B 151 5.75 20.75 -5.40
CA HIS B 151 6.26 19.67 -6.25
C HIS B 151 6.25 18.33 -5.51
N ILE B 152 5.19 18.10 -4.74
CA ILE B 152 5.07 16.92 -3.88
C ILE B 152 5.03 15.62 -4.67
N ARG B 153 4.31 15.62 -5.78
CA ARG B 153 4.25 14.44 -6.63
C ARG B 153 5.61 14.16 -7.28
N GLU B 154 6.26 15.21 -7.76
CA GLU B 154 7.57 15.15 -8.41
C GLU B 154 8.62 14.60 -7.42
N LYS B 155 8.55 15.05 -6.18
CA LYS B 155 9.44 14.61 -5.11
C LYS B 155 9.27 13.12 -4.84
N LEU B 156 8.01 12.72 -4.72
CA LEU B 156 7.62 11.32 -4.47
C LEU B 156 8.11 10.40 -5.60
N ILE B 157 7.88 10.84 -6.84
CA ILE B 157 8.36 10.11 -8.01
C ILE B 157 9.89 9.95 -7.96
N ARG B 158 10.59 11.04 -7.68
CA ARG B 158 12.06 10.99 -7.53
C ARG B 158 12.47 9.96 -6.47
N GLU B 159 11.86 10.06 -5.30
CA GLU B 159 12.19 9.16 -4.20
C GLU B 159 11.94 7.69 -4.61
N LEU B 160 10.83 7.42 -5.28
CA LEU B 160 10.53 6.04 -5.77
C LEU B 160 11.57 5.52 -6.80
N LYS B 161 11.98 6.37 -7.74
CA LYS B 161 12.99 5.97 -8.72
C LYS B 161 14.35 5.69 -8.04
N GLU B 162 14.65 6.47 -7.00
CA GLU B 162 15.84 6.23 -6.17
C GLU B 162 15.74 4.95 -5.36
N ALA B 163 14.56 4.65 -4.84
CA ALA B 163 14.37 3.44 -4.03
C ALA B 163 14.37 2.18 -4.91
N PHE B 164 13.88 2.31 -6.15
CA PHE B 164 13.69 1.14 -7.03
C PHE B 164 14.23 1.30 -8.44
N PRO B 165 15.49 1.71 -8.62
CA PRO B 165 16.00 1.98 -9.98
C PRO B 165 16.02 0.70 -10.84
N ASP B 166 16.26 -0.43 -10.19
CA ASP B 166 16.26 -1.73 -10.84
C ASP B 166 14.89 -2.23 -11.32
N TYR B 167 13.77 -1.63 -10.90
CA TYR B 167 12.42 -2.10 -11.31
C TYR B 167 11.99 -1.72 -12.74
N GLN B 168 12.70 -0.81 -13.38
CA GLN B 168 12.39 -0.36 -14.73
C GLN B 168 10.93 0.04 -14.91
N LEU B 169 10.56 1.02 -14.10
CA LEU B 169 9.23 1.57 -14.11
C LEU B 169 9.27 2.98 -14.73
N ALA B 170 8.17 3.33 -15.39
CA ALA B 170 7.91 4.67 -15.87
C ALA B 170 6.88 5.26 -14.92
N TYR B 171 6.96 6.58 -14.77
CA TYR B 171 6.15 7.35 -13.83
C TYR B 171 5.53 8.48 -14.62
N SER B 172 4.21 8.57 -14.60
CA SER B 172 3.48 9.48 -15.50
C SER B 172 2.54 10.34 -14.64
N VAL B 173 2.83 11.62 -14.53
CA VAL B 173 1.92 12.47 -13.79
C VAL B 173 0.78 12.87 -14.74
N GLY B 174 -0.42 12.76 -14.23
CA GLY B 174 -1.61 13.09 -15.01
C GLY B 174 -2.67 13.46 -14.00
N GLY B 175 -3.55 14.40 -14.36
CA GLY B 175 -4.51 15.01 -13.45
C GLY B 175 -3.87 15.83 -12.34
N GLN B 176 -4.70 16.15 -11.34
CA GLN B 176 -4.33 17.08 -10.26
C GLN B 176 -3.65 16.42 -9.09
N ILE B 177 -3.95 15.13 -8.84
CA ILE B 177 -3.66 14.54 -7.53
C ILE B 177 -2.85 13.26 -7.50
N SER B 178 -2.56 12.70 -8.67
CA SER B 178 -1.94 11.37 -8.73
C SER B 178 -0.91 11.28 -9.86
N PHE B 179 -0.24 10.13 -9.85
CA PHE B 179 0.57 9.68 -10.97
C PHE B 179 0.45 8.17 -11.16
N ASP B 180 0.57 7.74 -12.40
CA ASP B 180 0.56 6.33 -12.78
C ASP B 180 1.97 5.80 -12.77
N VAL B 181 2.10 4.55 -12.37
CA VAL B 181 3.40 3.87 -12.40
C VAL B 181 3.22 2.53 -13.11
N PHE B 182 4.09 2.25 -14.08
CA PHE B 182 3.98 0.99 -14.84
C PHE B 182 5.31 0.64 -15.48
N PRO B 183 5.48 -0.63 -15.86
CA PRO B 183 6.68 -1.04 -16.58
C PRO B 183 6.96 -0.13 -17.77
N LYS B 184 8.22 0.22 -17.96
CA LYS B 184 8.65 0.98 -19.13
C LYS B 184 8.06 0.33 -20.38
N GLY B 185 7.45 1.13 -21.25
CA GLY B 185 6.88 0.62 -22.49
C GLY B 185 5.39 0.33 -22.34
N TRP B 186 4.86 0.46 -21.13
CA TRP B 186 3.41 0.32 -20.89
C TRP B 186 2.67 1.64 -20.85
N ASP B 187 3.27 2.68 -21.48
CA ASP B 187 2.59 3.93 -21.80
C ASP B 187 1.59 3.68 -22.94
N LYS B 188 0.89 4.72 -23.38
CA LYS B 188 -0.12 4.61 -24.44
C LYS B 188 0.35 3.97 -25.74
N THR B 189 1.65 3.99 -26.05
CA THR B 189 2.12 3.31 -27.28
C THR B 189 1.84 1.81 -27.26
N TYR B 190 1.64 1.26 -26.05
CA TYR B 190 1.28 -0.15 -25.85
C TYR B 190 0.08 -0.56 -26.65
N CYS B 191 -0.88 0.34 -26.86
CA CYS B 191 -2.06 -0.03 -27.61
C CYS B 191 -1.80 -0.22 -29.10
N LEU B 192 -0.74 0.37 -29.62
CA LEU B 192 -0.54 0.44 -31.08
C LEU B 192 -0.30 -0.94 -31.71
N GLN B 193 0.27 -1.86 -30.92
CA GLN B 193 0.46 -3.22 -31.39
C GLN B 193 -0.84 -3.88 -31.83
N PHE B 194 -1.99 -3.46 -31.27
CA PHE B 194 -3.29 -4.12 -31.55
C PHE B 194 -4.07 -3.54 -32.72
N VAL B 195 -3.54 -2.47 -33.31
CA VAL B 195 -4.15 -1.79 -34.43
C VAL B 195 -3.21 -1.66 -35.67
N GLU B 196 -1.88 -1.71 -35.47
CA GLU B 196 -0.91 -1.36 -36.52
C GLU B 196 -0.93 -2.26 -37.72
N ASN B 197 -1.34 -3.50 -37.53
CA ASN B 197 -1.44 -4.44 -38.65
C ASN B 197 -2.77 -4.34 -39.36
N ASP B 198 -3.75 -3.71 -38.75
CA ASP B 198 -5.12 -3.73 -39.34
C ASP B 198 -5.52 -2.41 -39.98
N PHE B 199 -4.72 -1.36 -39.78
CA PHE B 199 -5.00 -0.05 -40.34
C PHE B 199 -3.76 0.52 -41.05
N GLU B 200 -3.96 1.00 -42.26
CA GLU B 200 -2.95 1.79 -42.99
C GLU B 200 -2.63 3.10 -42.28
N THR B 201 -3.65 3.78 -41.75
CA THR B 201 -3.42 5.08 -41.10
C THR B 201 -4.06 5.14 -39.75
N ILE B 202 -3.28 5.63 -38.81
CA ILE B 202 -3.68 5.75 -37.45
C ILE B 202 -3.57 7.20 -37.04
N HIS B 203 -4.71 7.83 -36.78
CA HIS B 203 -4.70 9.18 -36.18
C HIS B 203 -4.74 9.04 -34.68
N PHE B 204 -4.04 9.94 -33.98
CA PHE B 204 -4.12 10.02 -32.55
C PHE B 204 -4.40 11.44 -32.13
N PHE B 205 -5.36 11.63 -31.21
CA PHE B 205 -5.73 12.95 -30.70
C PHE B 205 -5.48 13.00 -29.18
N GLY B 206 -4.81 14.04 -28.70
CA GLY B 206 -4.55 14.19 -27.29
C GLY B 206 -4.20 15.59 -26.89
N ASP B 207 -4.36 15.89 -25.60
CA ASP B 207 -4.10 17.23 -25.09
C ASP B 207 -2.82 17.33 -24.25
N LYS B 208 -2.16 16.21 -23.99
CA LYS B 208 -0.99 16.23 -23.09
C LYS B 208 0.20 15.68 -23.86
N THR B 209 0.57 16.37 -24.93
CA THR B 209 1.49 15.84 -25.91
C THR B 209 2.88 16.43 -25.82
N SER B 210 3.13 17.38 -24.92
CA SER B 210 4.50 17.86 -24.72
C SER B 210 5.26 16.81 -23.90
N GLU B 211 6.57 16.97 -23.85
CA GLU B 211 7.43 16.03 -23.17
C GLU B 211 7.02 16.02 -21.69
N GLY B 212 7.01 14.83 -21.08
CA GLY B 212 6.46 14.64 -19.73
C GLY B 212 4.95 14.37 -19.68
N GLY B 213 4.22 14.67 -20.76
CA GLY B 213 2.79 14.48 -20.78
C GLY B 213 2.47 13.05 -21.16
N ASN B 214 1.35 12.54 -20.66
CA ASN B 214 1.03 11.14 -20.84
C ASN B 214 0.53 10.82 -22.25
N ASP B 215 0.42 11.81 -23.16
CA ASP B 215 0.17 11.53 -24.57
C ASP B 215 1.42 11.73 -25.43
N TYR B 216 2.55 12.04 -24.82
CA TYR B 216 3.75 12.36 -25.54
C TYR B 216 4.30 11.21 -26.42
N GLU B 217 4.42 10.01 -25.83
CA GLU B 217 4.98 8.87 -26.54
C GLU B 217 4.10 8.47 -27.73
N ILE B 218 2.79 8.43 -27.53
CA ILE B 218 1.91 8.05 -28.59
C ILE B 218 1.79 9.11 -29.68
N PHE B 219 1.83 10.38 -29.28
CA PHE B 219 1.83 11.51 -30.24
C PHE B 219 3.09 11.52 -31.13
N THR B 220 4.24 11.23 -30.53
CA THR B 220 5.51 11.31 -31.26
C THR B 220 5.90 10.02 -31.93
N ASP B 221 5.13 8.97 -31.69
CA ASP B 221 5.34 7.70 -32.34
C ASP B 221 5.13 7.82 -33.84
N SER B 222 6.03 7.26 -34.63
CA SER B 222 5.98 7.37 -36.11
C SER B 222 4.80 6.64 -36.76
N ARG B 223 4.13 5.78 -36.00
CA ARG B 223 2.97 5.04 -36.52
C ARG B 223 1.70 5.91 -36.48
N THR B 224 1.73 7.03 -35.74
CA THR B 224 0.54 7.87 -35.64
C THR B 224 0.68 9.18 -36.37
N ILE B 225 -0.41 9.60 -36.97
CA ILE B 225 -0.61 10.96 -37.35
C ILE B 225 -1.20 11.62 -36.12
N GLY B 226 -0.35 12.28 -35.37
CA GLY B 226 -0.77 12.88 -34.09
C GLY B 226 -1.37 14.26 -34.25
N HIS B 227 -2.36 14.57 -33.38
CA HIS B 227 -3.01 15.87 -33.37
C HIS B 227 -3.08 16.38 -31.93
N SER B 228 -2.44 17.52 -31.68
CA SER B 228 -2.39 18.12 -30.36
C SER B 228 -3.57 19.09 -30.25
N VAL B 229 -4.45 18.84 -29.28
CA VAL B 229 -5.64 19.66 -29.09
C VAL B 229 -5.58 20.33 -27.72
N LYS B 230 -6.15 21.53 -27.63
CA LYS B 230 -6.25 22.23 -26.35
C LYS B 230 -7.49 21.78 -25.62
N THR B 231 -8.61 21.68 -26.34
CA THR B 231 -9.88 21.23 -25.78
C THR B 231 -10.59 20.32 -26.77
N TYR B 232 -11.73 19.77 -26.36
CA TYR B 232 -12.49 18.87 -27.23
C TYR B 232 -13.01 19.60 -28.46
N LYS B 233 -13.11 20.91 -28.37
CA LYS B 233 -13.59 21.72 -29.48
C LYS B 233 -12.61 21.67 -30.64
N ASP B 234 -11.32 21.63 -30.33
CA ASP B 234 -10.32 21.41 -31.37
C ASP B 234 -10.48 20.03 -32.00
N THR B 235 -10.75 19.02 -31.18
CA THR B 235 -10.95 17.67 -31.72
C THR B 235 -12.09 17.67 -32.77
N ILE B 236 -13.19 18.33 -32.45
CA ILE B 236 -14.32 18.37 -33.34
C ILE B 236 -13.92 19.08 -34.64
N ALA B 237 -13.19 20.18 -34.55
CA ALA B 237 -12.84 20.92 -35.75
C ALA B 237 -11.88 20.12 -36.62
N ILE B 238 -10.96 19.40 -36.01
CA ILE B 238 -10.05 18.57 -36.81
C ILE B 238 -10.84 17.45 -37.48
N LEU B 239 -11.71 16.79 -36.74
CA LEU B 239 -12.55 15.76 -37.33
C LEU B 239 -13.30 16.28 -38.53
N GLU B 240 -13.88 17.46 -38.38
CA GLU B 240 -14.72 18.06 -39.41
C GLU B 240 -13.93 18.35 -40.70
N ALA B 241 -12.72 18.86 -40.55
CA ALA B 241 -11.80 19.04 -41.69
C ALA B 241 -11.46 17.69 -42.34
N LEU B 242 -11.18 16.70 -41.50
CA LEU B 242 -10.80 15.36 -41.93
C LEU B 242 -11.86 14.72 -42.83
N LEU B 243 -13.13 14.91 -42.47
CA LEU B 243 -14.24 14.36 -43.23
C LEU B 243 -14.42 15.08 -44.57
N GLU B 244 -13.83 16.27 -44.68
CA GLU B 244 -13.76 17.00 -45.93
C GLU B 244 -12.57 16.45 -46.72
N ASP B 245 -12.83 15.90 -47.91
CA ASP B 245 -11.74 15.44 -48.80
C ASP B 245 -12.20 15.30 -50.24
N LYS C 4 -48.26 -0.13 7.48
CA LYS C 4 -48.05 -0.57 8.89
C LYS C 4 -46.61 -1.08 9.18
N ALA C 5 -46.08 -1.94 8.32
CA ALA C 5 -44.78 -2.56 8.56
C ALA C 5 -43.73 -2.31 7.50
N ILE C 6 -42.48 -2.29 7.96
CA ILE C 6 -41.31 -2.20 7.11
C ILE C 6 -40.36 -3.37 7.34
N LEU C 7 -39.85 -3.91 6.24
CA LEU C 7 -38.90 -5.00 6.25
C LEU C 7 -37.54 -4.44 5.85
N LEU C 8 -36.60 -4.49 6.79
CA LEU C 8 -35.27 -3.91 6.62
C LEU C 8 -34.25 -5.03 6.46
N PHE C 9 -33.46 -4.96 5.39
CA PHE C 9 -32.53 -6.03 5.07
C PHE C 9 -31.13 -5.53 4.90
N ASP C 10 -30.21 -6.23 5.53
CA ASP C 10 -28.82 -6.18 5.15
C ASP C 10 -28.76 -6.76 3.72
N VAL C 11 -27.66 -6.51 3.01
CA VAL C 11 -27.60 -6.81 1.61
C VAL C 11 -26.77 -8.05 1.32
N ASP C 12 -25.45 -7.97 1.41
CA ASP C 12 -24.61 -9.10 1.01
C ASP C 12 -24.82 -10.24 1.98
N GLY C 13 -25.11 -11.42 1.47
CA GLY C 13 -25.43 -12.59 2.32
C GLY C 13 -26.88 -12.76 2.78
N THR C 14 -27.68 -11.70 2.66
CA THR C 14 -29.05 -11.69 3.17
C THR C 14 -30.06 -11.58 2.04
N LEU C 15 -29.72 -10.76 1.04
CA LEU C 15 -30.48 -10.65 -0.18
C LEU C 15 -29.76 -11.31 -1.36
N THR C 16 -28.49 -11.72 -1.15
CA THR C 16 -27.64 -12.24 -2.21
C THR C 16 -26.84 -13.48 -1.83
N PRO C 17 -26.34 -14.22 -2.81
CA PRO C 17 -25.24 -15.14 -2.53
C PRO C 17 -24.04 -14.28 -2.11
N PRO C 18 -23.15 -14.84 -1.29
CA PRO C 18 -22.11 -14.03 -0.68
C PRO C 18 -21.21 -13.60 -1.84
N ARG C 19 -20.88 -12.32 -1.92
CA ARG C 19 -19.99 -11.78 -2.95
C ARG C 19 -20.51 -11.96 -4.41
N ASN C 20 -21.81 -12.05 -4.59
CA ASN C 20 -22.48 -12.12 -5.89
C ASN C 20 -23.75 -11.26 -5.91
N PRO C 21 -24.29 -10.97 -7.09
CA PRO C 21 -25.55 -10.21 -7.19
C PRO C 21 -26.83 -10.95 -6.78
N GLU C 22 -27.81 -10.16 -6.36
CA GLU C 22 -29.13 -10.67 -6.01
C GLU C 22 -29.75 -11.54 -7.11
N THR C 23 -30.42 -12.61 -6.66
CA THR C 23 -31.03 -13.59 -7.52
C THR C 23 -32.49 -13.21 -7.82
N HIS C 24 -33.07 -13.86 -8.81
CA HIS C 24 -34.44 -13.53 -9.21
C HIS C 24 -35.50 -14.01 -8.23
N ASP C 25 -35.29 -15.19 -7.65
CA ASP C 25 -36.20 -15.68 -6.60
C ASP C 25 -36.21 -14.76 -5.36
N MET C 26 -35.10 -14.07 -5.09
CA MET C 26 -35.08 -13.05 -4.07
C MET C 26 -35.86 -11.80 -4.50
N LYS C 27 -35.62 -11.33 -5.73
CA LYS C 27 -36.30 -10.15 -6.26
C LYS C 27 -37.83 -10.31 -6.28
N GLU C 28 -38.28 -11.53 -6.63
CA GLU C 28 -39.71 -11.85 -6.74
C GLU C 28 -40.36 -11.84 -5.36
N ALA C 29 -39.71 -12.49 -4.41
CA ALA C 29 -40.19 -12.49 -3.01
C ALA C 29 -40.46 -11.07 -2.51
N LEU C 30 -39.56 -10.16 -2.81
CA LEU C 30 -39.68 -8.78 -2.40
C LEU C 30 -40.77 -8.03 -3.19
N LEU C 31 -40.89 -8.31 -4.48
CA LEU C 31 -42.00 -7.76 -5.26
C LEU C 31 -43.35 -8.15 -4.63
N LYS C 32 -43.51 -9.44 -4.29
CA LYS C 32 -44.73 -9.93 -3.65
C LYS C 32 -44.97 -9.33 -2.26
N ALA C 33 -43.90 -9.13 -1.51
CA ALA C 33 -44.02 -8.51 -0.18
C ALA C 33 -44.58 -7.11 -0.32
N ARG C 34 -43.95 -6.36 -1.22
CA ARG C 34 -44.25 -4.95 -1.36
C ARG C 34 -45.67 -4.71 -1.90
N ALA C 35 -46.13 -5.59 -2.81
CA ALA C 35 -47.51 -5.59 -3.31
C ALA C 35 -48.53 -5.93 -2.22
N ALA C 36 -48.08 -6.62 -1.19
CA ALA C 36 -48.93 -7.01 -0.06
C ALA C 36 -49.08 -5.90 0.98
N GLY C 37 -48.52 -4.72 0.72
CA GLY C 37 -48.58 -3.62 1.67
C GLY C 37 -47.30 -3.37 2.45
N PHE C 38 -46.33 -4.28 2.38
CA PHE C 38 -45.04 -4.08 3.08
C PHE C 38 -44.15 -3.04 2.40
N LYS C 39 -43.61 -2.12 3.21
CA LYS C 39 -42.57 -1.23 2.77
C LYS C 39 -41.27 -1.96 2.94
N LEU C 40 -40.33 -1.69 2.02
CA LEU C 40 -39.07 -2.41 1.97
C LEU C 40 -37.95 -1.42 2.10
N GLY C 41 -36.96 -1.76 2.91
CA GLY C 41 -35.80 -0.93 3.06
C GLY C 41 -34.54 -1.78 3.08
N VAL C 42 -33.47 -1.20 2.56
CA VAL C 42 -32.21 -1.92 2.58
C VAL C 42 -31.20 -1.12 3.40
N VAL C 43 -30.32 -1.82 4.14
CA VAL C 43 -29.26 -1.13 4.88
C VAL C 43 -27.94 -1.94 4.89
N GLY C 44 -26.82 -1.32 4.53
CA GLY C 44 -25.50 -1.98 4.68
C GLY C 44 -24.39 -0.96 4.90
N GLY C 45 -23.25 -1.44 5.40
CA GLY C 45 -22.07 -0.57 5.52
C GLY C 45 -21.44 -0.10 4.19
N SER C 46 -21.75 -0.80 3.10
CA SER C 46 -21.14 -0.50 1.81
C SER C 46 -21.75 0.77 1.19
N ASP C 47 -21.05 1.37 0.22
CA ASP C 47 -21.55 2.60 -0.39
C ASP C 47 -22.61 2.25 -1.42
N PHE C 48 -23.30 3.27 -1.95
CA PHE C 48 -24.47 3.04 -2.79
C PHE C 48 -24.07 2.32 -4.09
N ALA C 49 -22.89 2.62 -4.62
CA ALA C 49 -22.45 1.99 -5.86
C ALA C 49 -22.35 0.48 -5.69
N LYS C 50 -21.83 0.03 -4.54
CA LYS C 50 -21.70 -1.40 -4.28
C LYS C 50 -23.08 -2.07 -4.11
N GLN C 51 -24.02 -1.37 -3.48
CA GLN C 51 -25.36 -1.91 -3.27
C GLN C 51 -26.06 -2.01 -4.63
N LYS C 52 -25.88 -1.00 -5.47
CA LYS C 52 -26.40 -1.00 -6.81
C LYS C 52 -25.88 -2.21 -7.60
N GLU C 53 -24.60 -2.53 -7.45
CA GLU C 53 -24.06 -3.66 -8.20
C GLU C 53 -24.55 -4.99 -7.63
N GLN C 54 -25.00 -5.02 -6.38
CA GLN C 54 -25.65 -6.23 -5.89
C GLN C 54 -27.15 -6.32 -6.21
N LEU C 55 -27.85 -5.20 -6.16
CA LEU C 55 -29.32 -5.18 -6.24
C LEU C 55 -29.85 -4.76 -7.61
N GLY C 56 -28.97 -4.30 -8.51
CA GLY C 56 -29.30 -3.92 -9.88
C GLY C 56 -29.43 -2.41 -10.07
N GLU C 57 -29.51 -1.98 -11.32
CA GLU C 57 -29.67 -0.56 -11.64
C GLU C 57 -31.00 0.01 -11.13
N SER C 58 -32.02 -0.83 -10.98
CA SER C 58 -33.36 -0.38 -10.54
C SER C 58 -33.58 -0.50 -9.05
N ILE C 59 -32.49 -0.73 -8.32
CA ILE C 59 -32.48 -0.73 -6.85
C ILE C 59 -33.37 0.34 -6.22
N LEU C 60 -33.25 1.57 -6.69
CA LEU C 60 -33.98 2.69 -6.08
C LEU C 60 -35.48 2.66 -6.40
N GLU C 61 -35.85 1.88 -7.41
CA GLU C 61 -37.26 1.67 -7.75
C GLU C 61 -37.80 0.41 -7.08
N ASP C 62 -36.91 -0.42 -6.55
CA ASP C 62 -37.29 -1.70 -5.91
C ASP C 62 -37.47 -1.59 -4.39
N PHE C 63 -36.86 -0.57 -3.78
CA PHE C 63 -36.95 -0.37 -2.34
C PHE C 63 -37.47 1.01 -2.02
N ASP C 64 -38.30 1.09 -0.98
CA ASP C 64 -38.87 2.36 -0.53
C ASP C 64 -37.78 3.20 0.16
N TYR C 65 -36.86 2.52 0.85
CA TYR C 65 -35.69 3.18 1.43
C TYR C 65 -34.41 2.42 1.07
N VAL C 66 -33.37 3.18 0.74
CA VAL C 66 -32.04 2.62 0.58
C VAL C 66 -31.08 3.40 1.48
N PHE C 67 -30.61 2.70 2.52
CA PHE C 67 -29.68 3.25 3.50
C PHE C 67 -28.30 2.70 3.23
N SER C 68 -27.54 3.43 2.42
CA SER C 68 -26.15 3.07 2.20
C SER C 68 -25.31 3.57 3.38
N GLU C 69 -24.12 2.98 3.53
CA GLU C 69 -23.19 3.32 4.59
C GLU C 69 -23.89 3.53 5.93
N ASN C 70 -24.62 2.50 6.35
CA ASN C 70 -25.36 2.44 7.65
C ASN C 70 -26.47 3.47 7.80
N GLY C 71 -26.85 4.13 6.72
CA GLY C 71 -27.87 5.17 6.73
C GLY C 71 -27.32 6.57 6.70
N LEU C 72 -26.00 6.69 6.60
CA LEU C 72 -25.31 7.99 6.55
C LEU C 72 -25.46 8.69 5.20
N LEU C 73 -25.72 7.91 4.15
CA LEU C 73 -26.27 8.46 2.91
C LEU C 73 -27.56 7.67 2.67
N ALA C 74 -28.71 8.35 2.72
CA ALA C 74 -30.02 7.68 2.71
C ALA C 74 -30.93 8.18 1.57
N TYR C 75 -31.62 7.23 0.94
CA TYR C 75 -32.56 7.51 -0.14
C TYR C 75 -33.96 7.02 0.20
N LYS C 76 -34.95 7.67 -0.40
CA LYS C 76 -36.34 7.37 -0.17
C LYS C 76 -37.12 7.82 -1.40
N ASP C 77 -38.03 6.96 -1.86
CA ASP C 77 -38.79 7.18 -3.10
C ASP C 77 -37.90 7.60 -4.27
N GLY C 78 -36.74 6.96 -4.38
CA GLY C 78 -35.79 7.26 -5.46
C GLY C 78 -34.98 8.54 -5.29
N LYS C 79 -35.10 9.19 -4.14
CA LYS C 79 -34.44 10.48 -3.90
C LYS C 79 -33.60 10.48 -2.63
N GLU C 80 -32.40 11.05 -2.71
CA GLU C 80 -31.53 11.24 -1.53
C GLU C 80 -32.22 12.17 -0.54
N PHE C 81 -32.21 11.80 0.74
CA PHE C 81 -32.82 12.64 1.77
C PHE C 81 -31.98 12.91 3.03
N HIS C 82 -30.87 12.21 3.22
CA HIS C 82 -29.97 12.51 4.34
C HIS C 82 -28.52 12.16 3.97
N ARG C 83 -27.58 13.05 4.33
CA ARG C 83 -26.16 12.87 4.02
C ARG C 83 -25.28 13.43 5.13
N ASN C 84 -24.70 12.57 5.96
CA ASN C 84 -23.81 13.04 7.03
C ASN C 84 -22.35 13.02 6.54
N SER C 85 -21.38 13.07 7.46
CA SER C 85 -20.00 13.39 7.09
C SER C 85 -19.02 13.00 8.19
N LEU C 86 -18.20 11.99 7.90
CA LEU C 86 -17.08 11.64 8.77
C LEU C 86 -16.16 12.85 8.97
N LEU C 87 -15.95 13.61 7.90
CA LEU C 87 -15.08 14.79 7.94
C LEU C 87 -15.64 15.80 8.90
N ARG C 88 -16.93 16.10 8.76
CA ARG C 88 -17.63 17.07 9.61
C ARG C 88 -17.63 16.65 11.08
N ALA C 89 -17.70 15.34 11.32
CA ALA C 89 -17.75 14.78 12.68
C ALA C 89 -16.39 14.82 13.39
N LEU C 90 -15.32 14.42 12.69
CA LEU C 90 -13.97 14.38 13.27
C LEU C 90 -13.15 15.66 13.01
N GLY C 91 -13.30 16.25 11.83
CA GLY C 91 -12.49 17.40 11.43
C GLY C 91 -11.21 16.92 10.72
N ASN C 92 -10.60 17.80 9.92
CA ASN C 92 -9.45 17.45 9.08
C ASN C 92 -8.25 16.91 9.87
N GLU C 93 -7.89 17.60 10.96
CA GLU C 93 -6.70 17.22 11.75
C GLU C 93 -6.80 15.76 12.24
N LYS C 94 -7.96 15.40 12.79
CA LYS C 94 -8.15 14.07 13.36
C LYS C 94 -8.16 13.04 12.25
N VAL C 95 -8.84 13.36 11.15
CA VAL C 95 -8.84 12.49 10.00
C VAL C 95 -7.42 12.22 9.49
N VAL C 96 -6.58 13.23 9.34
CA VAL C 96 -5.27 12.95 8.72
C VAL C 96 -4.36 12.20 9.71
N ALA C 97 -4.46 12.53 10.99
CA ALA C 97 -3.79 11.76 12.02
C ALA C 97 -4.20 10.27 12.01
N PHE C 98 -5.48 9.99 11.89
CA PHE C 98 -5.94 8.59 11.88
C PHE C 98 -5.39 7.82 10.67
N VAL C 99 -5.60 8.41 9.50
CA VAL C 99 -5.15 7.87 8.22
C VAL C 99 -3.63 7.63 8.16
N LYS C 100 -2.85 8.60 8.62
CA LYS C 100 -1.39 8.45 8.69
C LYS C 100 -0.97 7.25 9.53
N LYS C 101 -1.66 7.08 10.66
CA LYS C 101 -1.39 5.95 11.53
C LYS C 101 -1.75 4.66 10.85
N CYS C 102 -2.91 4.61 10.20
CA CYS C 102 -3.26 3.43 9.42
C CYS C 102 -2.20 3.13 8.37
N LEU C 103 -1.74 4.15 7.64
CA LEU C 103 -0.77 3.87 6.59
C LEU C 103 0.53 3.31 7.18
N HIS C 104 0.99 3.89 8.30
CA HIS C 104 2.22 3.41 8.95
C HIS C 104 2.09 1.94 9.37
N LEU C 105 1.00 1.63 10.06
CA LEU C 105 0.77 0.29 10.60
C LEU C 105 0.70 -0.73 9.46
N ILE C 106 0.01 -0.39 8.38
CA ILE C 106 -0.21 -1.36 7.31
C ILE C 106 1.11 -1.57 6.54
N ALA C 107 1.84 -0.49 6.34
CA ALA C 107 3.16 -0.55 5.71
C ALA C 107 4.11 -1.47 6.47
N ASP C 108 3.99 -1.46 7.79
CA ASP C 108 4.83 -2.26 8.68
C ASP C 108 4.43 -3.73 8.81
N LEU C 109 3.26 -4.11 8.29
CA LEU C 109 2.78 -5.50 8.44
C LEU C 109 3.66 -6.52 7.74
N ASP C 110 3.88 -7.66 8.37
CA ASP C 110 4.55 -8.75 7.70
C ASP C 110 3.50 -9.75 7.24
N ILE C 111 2.84 -9.42 6.13
CA ILE C 111 1.92 -10.36 5.50
C ILE C 111 2.36 -10.62 4.05
N PRO C 112 2.06 -11.79 3.52
CA PRO C 112 2.62 -12.20 2.25
C PRO C 112 2.12 -11.36 1.08
N VAL C 113 0.87 -10.91 1.11
CA VAL C 113 0.27 -10.25 -0.04
C VAL C 113 -0.34 -8.90 0.33
N GLN C 114 0.07 -7.86 -0.37
CA GLN C 114 -0.58 -6.57 -0.33
C GLN C 114 -0.67 -6.06 -1.75
N ARG C 115 -1.74 -5.32 -2.02
CA ARG C 115 -2.12 -4.93 -3.36
C ARG C 115 -2.39 -3.44 -3.45
N GLY C 116 -3.58 -3.00 -3.09
CA GLY C 116 -3.88 -1.54 -3.15
C GLY C 116 -5.20 -1.21 -2.53
N THR C 117 -5.39 0.05 -2.16
CA THR C 117 -6.60 0.59 -1.51
C THR C 117 -6.71 0.05 -0.11
N PHE C 118 -5.80 0.55 0.74
CA PHE C 118 -5.62 0.05 2.08
C PHE C 118 -6.44 0.86 3.05
N VAL C 119 -6.61 2.16 2.75
CA VAL C 119 -7.47 3.02 3.55
C VAL C 119 -8.42 3.70 2.60
N GLU C 120 -9.69 3.32 2.67
CA GLU C 120 -10.74 3.95 1.89
C GLU C 120 -11.56 4.93 2.76
N PHE C 121 -11.49 6.19 2.38
CA PHE C 121 -12.24 7.26 3.01
C PHE C 121 -13.60 7.32 2.34
N ARG C 122 -14.64 6.93 3.08
CA ARG C 122 -15.98 7.05 2.58
C ARG C 122 -16.57 8.24 3.29
N ASN C 123 -17.75 8.68 2.90
CA ASN C 123 -18.38 9.71 3.72
C ASN C 123 -19.22 9.01 4.78
N GLY C 124 -18.80 9.15 6.03
CA GLY C 124 -19.40 8.39 7.11
C GLY C 124 -18.44 7.40 7.75
N MET C 125 -17.47 6.89 7.02
CA MET C 125 -16.58 5.89 7.61
C MET C 125 -15.27 5.68 6.88
N PHE C 126 -14.29 5.17 7.63
CA PHE C 126 -13.06 4.65 7.05
C PHE C 126 -13.31 3.17 6.85
N ASN C 127 -12.82 2.63 5.73
CA ASN C 127 -12.71 1.17 5.54
C ASN C 127 -11.22 0.85 5.39
N VAL C 128 -10.71 0.03 6.28
CA VAL C 128 -9.30 -0.26 6.37
C VAL C 128 -9.07 -1.72 6.01
N SER C 129 -8.15 -1.97 5.08
CA SER C 129 -7.83 -3.33 4.63
C SER C 129 -6.32 -3.57 4.60
N PRO C 130 -5.82 -4.52 5.39
CA PRO C 130 -4.38 -4.82 5.40
C PRO C 130 -3.83 -5.32 4.08
N ILE C 131 -4.64 -6.07 3.34
CA ILE C 131 -4.19 -6.59 2.04
C ILE C 131 -4.48 -5.63 0.89
N GLY C 132 -5.52 -4.84 1.06
CA GLY C 132 -5.96 -3.92 0.05
C GLY C 132 -7.20 -4.40 -0.67
N ARG C 133 -8.16 -3.49 -0.85
CA ARG C 133 -9.40 -3.85 -1.54
C ARG C 133 -9.19 -4.22 -3.01
N ASN C 134 -8.05 -3.83 -3.58
CA ASN C 134 -7.79 -4.09 -4.97
C ASN C 134 -7.26 -5.52 -5.23
N CYS C 135 -7.22 -6.38 -4.23
CA CYS C 135 -6.74 -7.75 -4.43
C CYS C 135 -7.81 -8.54 -5.15
N SER C 136 -7.47 -9.71 -5.67
CA SER C 136 -8.41 -10.56 -6.38
C SER C 136 -9.35 -11.28 -5.41
N GLN C 137 -10.41 -11.87 -5.93
CA GLN C 137 -11.31 -12.67 -5.09
C GLN C 137 -10.58 -13.85 -4.42
N GLN C 138 -9.69 -14.53 -5.15
CA GLN C 138 -8.93 -15.59 -4.59
C GLN C 138 -7.95 -15.14 -3.49
N GLU C 139 -7.33 -13.97 -3.65
CA GLU C 139 -6.54 -13.36 -2.59
C GLU C 139 -7.39 -13.00 -1.38
N ARG C 140 -8.64 -12.56 -1.61
CA ARG C 140 -9.56 -12.33 -0.49
C ARG C 140 -9.82 -13.63 0.28
N ASP C 141 -10.12 -14.70 -0.45
CA ASP C 141 -10.34 -16.01 0.16
C ASP C 141 -9.14 -16.48 0.98
N GLU C 142 -7.95 -16.31 0.43
CA GLU C 142 -6.70 -16.63 1.13
C GLU C 142 -6.47 -15.73 2.35
N PHE C 143 -6.70 -14.43 2.21
CA PHE C 143 -6.51 -13.52 3.33
C PHE C 143 -7.47 -13.79 4.51
N GLU C 144 -8.73 -14.06 4.20
CA GLU C 144 -9.71 -14.29 5.23
C GLU C 144 -9.25 -15.42 6.16
N ASN C 145 -8.69 -16.47 5.56
CA ASN C 145 -8.12 -17.59 6.31
C ASN C 145 -6.87 -17.22 7.12
N LEU C 146 -6.00 -16.43 6.51
CA LEU C 146 -4.77 -15.99 7.18
C LEU C 146 -5.16 -15.15 8.41
N ASP C 147 -6.15 -14.30 8.22
CA ASP C 147 -6.62 -13.41 9.27
C ASP C 147 -7.26 -14.18 10.42
N LYS C 148 -7.95 -15.26 10.10
CA LYS C 148 -8.46 -16.13 11.16
C LYS C 148 -7.36 -16.77 12.04
N GLU C 149 -6.21 -17.03 11.43
CA GLU C 149 -5.10 -17.62 12.15
C GLU C 149 -4.35 -16.57 12.95
N ARG C 150 -4.03 -15.45 12.29
CA ARG C 150 -3.09 -14.48 12.81
C ARG C 150 -3.71 -13.21 13.39
N HIS C 151 -5.01 -13.03 13.23
CA HIS C 151 -5.73 -11.93 13.89
C HIS C 151 -5.20 -10.54 13.48
N ILE C 152 -4.95 -10.39 12.18
CA ILE C 152 -4.34 -9.18 11.66
C ILE C 152 -5.24 -7.96 11.78
N ARG C 153 -6.52 -8.10 11.45
CA ARG C 153 -7.45 -7.00 11.63
C ARG C 153 -7.62 -6.63 13.11
N GLU C 154 -7.75 -7.66 13.97
CA GLU C 154 -7.90 -7.53 15.42
C GLU C 154 -6.74 -6.72 16.02
N LYS C 155 -5.52 -7.09 15.64
CA LYS C 155 -4.30 -6.46 16.16
C LYS C 155 -4.21 -5.01 15.69
N LEU C 156 -4.57 -4.78 14.44
CA LEU C 156 -4.64 -3.44 13.91
C LEU C 156 -5.63 -2.56 14.69
N ILE C 157 -6.84 -3.11 14.90
CA ILE C 157 -7.89 -2.39 15.62
C ILE C 157 -7.40 -2.05 17.04
N ARG C 158 -6.76 -3.01 17.68
CA ARG C 158 -6.15 -2.80 19.02
C ARG C 158 -5.23 -1.57 19.01
N GLU C 159 -4.30 -1.57 18.07
CA GLU C 159 -3.34 -0.49 17.86
C GLU C 159 -3.95 0.89 17.59
N LEU C 160 -5.08 0.91 16.89
CA LEU C 160 -5.78 2.17 16.59
C LEU C 160 -6.49 2.75 17.84
N LYS C 161 -7.14 1.86 18.60
CA LYS C 161 -7.85 2.25 19.80
C LYS C 161 -6.85 2.79 20.83
N GLU C 162 -5.66 2.19 20.84
CA GLU C 162 -4.56 2.54 21.74
C GLU C 162 -4.03 3.92 21.38
N ALA C 163 -3.75 4.12 20.10
CA ALA C 163 -3.26 5.39 19.57
C ALA C 163 -4.27 6.51 19.67
N PHE C 164 -5.58 6.18 19.66
CA PHE C 164 -6.61 7.22 19.55
C PHE C 164 -7.72 7.01 20.59
N PRO C 165 -7.36 6.92 21.87
CA PRO C 165 -8.35 6.55 22.89
C PRO C 165 -9.40 7.65 23.09
N ASP C 166 -9.07 8.85 22.64
CA ASP C 166 -9.95 10.00 22.68
C ASP C 166 -10.90 10.17 21.49
N TYR C 167 -10.64 9.49 20.39
CA TYR C 167 -11.44 9.72 19.19
C TYR C 167 -12.89 9.25 19.30
N GLN C 168 -13.17 8.30 20.19
CA GLN C 168 -14.53 7.77 20.36
C GLN C 168 -15.00 7.16 19.04
N LEU C 169 -14.24 6.17 18.59
CA LEU C 169 -14.55 5.48 17.36
C LEU C 169 -15.09 4.09 17.68
N ALA C 170 -15.82 3.53 16.72
CA ALA C 170 -16.21 2.14 16.78
C ALA C 170 -15.49 1.44 15.65
N TYR C 171 -15.07 0.21 15.92
CA TYR C 171 -14.32 -0.62 14.95
C TYR C 171 -15.07 -1.92 14.70
N SER C 172 -15.41 -2.14 13.45
CA SER C 172 -16.38 -3.14 13.08
C SER C 172 -15.82 -3.97 11.95
N VAL C 173 -15.40 -5.19 12.28
CA VAL C 173 -14.91 -6.16 11.31
C VAL C 173 -16.07 -6.65 10.45
N GLY C 174 -15.83 -6.69 9.15
CA GLY C 174 -16.85 -7.12 8.24
C GLY C 174 -16.27 -7.58 6.93
N GLY C 175 -16.80 -8.67 6.43
CA GLY C 175 -16.33 -9.27 5.21
C GLY C 175 -14.97 -9.89 5.39
N GLN C 176 -14.31 -10.14 4.27
CA GLN C 176 -13.17 -11.03 4.21
C GLN C 176 -11.87 -10.30 4.47
N ILE C 177 -11.82 -8.99 4.18
CA ILE C 177 -10.52 -8.32 4.13
C ILE C 177 -10.38 -7.02 4.90
N SER C 178 -11.45 -6.58 5.54
CA SER C 178 -11.42 -5.22 6.05
C SER C 178 -12.23 -5.05 7.33
N PHE C 179 -12.08 -3.86 7.91
CA PHE C 179 -12.93 -3.39 8.97
C PHE C 179 -13.35 -1.93 8.75
N ASP C 180 -14.53 -1.57 9.25
CA ASP C 180 -14.99 -0.20 9.16
C ASP C 180 -14.63 0.54 10.44
N VAL C 181 -14.49 1.85 10.33
CA VAL C 181 -14.28 2.72 11.48
C VAL C 181 -15.15 3.94 11.32
N PHE C 182 -15.96 4.22 12.34
CA PHE C 182 -16.88 5.33 12.31
C PHE C 182 -17.11 5.78 13.75
N PRO C 183 -17.59 7.00 13.93
CA PRO C 183 -18.10 7.44 15.22
C PRO C 183 -19.05 6.46 15.88
N LYS C 184 -18.89 6.31 17.18
CA LYS C 184 -19.77 5.51 18.01
C LYS C 184 -21.25 5.85 17.74
N GLY C 185 -22.03 4.84 17.35
CA GLY C 185 -23.42 5.05 16.96
C GLY C 185 -23.70 5.11 15.47
N TRP C 186 -22.66 5.18 14.63
CA TRP C 186 -22.89 5.20 13.18
C TRP C 186 -22.93 3.77 12.62
N ASP C 187 -23.32 2.81 13.47
CA ASP C 187 -23.55 1.45 13.06
C ASP C 187 -24.95 1.39 12.44
N LYS C 188 -25.41 0.20 12.04
CA LYS C 188 -26.67 0.09 11.29
C LYS C 188 -27.93 0.67 12.00
N THR C 189 -27.94 0.77 13.32
CA THR C 189 -29.11 1.36 14.04
C THR C 189 -29.30 2.83 13.64
N TYR C 190 -28.23 3.44 13.13
CA TYR C 190 -28.28 4.82 12.68
C TYR C 190 -29.47 5.08 11.76
N CYS C 191 -29.83 4.10 10.92
CA CYS C 191 -30.92 4.30 9.95
C CYS C 191 -32.33 4.29 10.57
N LEU C 192 -32.45 3.77 11.79
CA LEU C 192 -33.75 3.50 12.43
C LEU C 192 -34.52 4.78 12.75
N GLN C 193 -33.78 5.85 13.00
CA GLN C 193 -34.37 7.16 13.27
C GLN C 193 -35.23 7.65 12.11
N PHE C 194 -34.93 7.20 10.89
CA PHE C 194 -35.65 7.68 9.70
C PHE C 194 -36.94 6.93 9.44
N VAL C 195 -37.12 5.86 10.22
CA VAL C 195 -38.17 4.88 10.02
C VAL C 195 -39.05 4.65 11.29
N GLU C 196 -38.46 4.76 12.47
CA GLU C 196 -39.13 4.42 13.74
C GLU C 196 -40.48 5.09 14.04
N ASN C 197 -40.70 6.30 13.54
CA ASN C 197 -41.93 7.03 13.82
C ASN C 197 -43.04 6.76 12.82
N ASP C 198 -42.70 6.05 11.74
CA ASP C 198 -43.60 5.83 10.61
C ASP C 198 -44.11 4.39 10.49
N PHE C 199 -43.48 3.48 11.22
CA PHE C 199 -43.91 2.09 11.31
C PHE C 199 -43.89 1.67 12.78
N GLU C 200 -44.87 0.87 13.19
CA GLU C 200 -44.85 0.32 14.54
C GLU C 200 -44.33 -1.12 14.51
N THR C 201 -44.03 -1.62 13.32
CA THR C 201 -43.45 -2.96 13.14
C THR C 201 -42.26 -2.92 12.17
N ILE C 202 -41.06 -3.14 12.72
CA ILE C 202 -39.79 -3.08 11.99
C ILE C 202 -39.10 -4.46 12.07
N HIS C 203 -39.10 -5.20 10.96
CA HIS C 203 -38.42 -6.50 10.94
C HIS C 203 -37.04 -6.19 10.41
N PHE C 204 -36.02 -6.79 11.00
CA PHE C 204 -34.68 -6.68 10.44
C PHE C 204 -34.11 -8.07 10.10
N PHE C 205 -33.54 -8.17 8.90
CA PHE C 205 -32.93 -9.40 8.37
C PHE C 205 -31.42 -9.24 8.20
N GLY C 206 -30.67 -10.12 8.86
CA GLY C 206 -29.23 -10.06 8.75
C GLY C 206 -28.58 -11.40 8.93
N ASP C 207 -27.34 -11.54 8.47
CA ASP C 207 -26.58 -12.80 8.61
C ASP C 207 -25.38 -12.67 9.52
N LYS C 208 -25.09 -11.47 9.99
CA LYS C 208 -24.00 -11.27 10.94
C LYS C 208 -24.56 -10.63 12.21
N THR C 209 -25.46 -11.37 12.88
CA THR C 209 -26.25 -10.85 14.01
C THR C 209 -25.72 -11.23 15.38
N SER C 210 -24.75 -12.13 15.47
CA SER C 210 -24.17 -12.45 16.77
C SER C 210 -23.10 -11.43 17.11
N GLU C 211 -22.60 -11.49 18.34
CA GLU C 211 -21.71 -10.46 18.85
C GLU C 211 -20.42 -10.41 18.04
N GLY C 212 -19.99 -9.21 17.70
CA GLY C 212 -18.83 -9.00 16.84
C GLY C 212 -19.19 -8.79 15.38
N GLY C 213 -20.43 -9.13 15.01
CA GLY C 213 -20.90 -9.01 13.63
C GLY C 213 -21.57 -7.66 13.40
N ASN C 214 -21.61 -7.22 12.14
CA ASN C 214 -22.04 -5.85 11.87
C ASN C 214 -23.55 -5.69 11.72
N ASP C 215 -24.28 -6.78 11.98
CA ASP C 215 -25.72 -6.71 12.12
C ASP C 215 -26.15 -6.88 13.57
N TYR C 216 -25.20 -7.01 14.50
CA TYR C 216 -25.50 -7.27 15.92
C TYR C 216 -26.34 -6.17 16.51
N GLU C 217 -25.97 -4.93 16.24
CA GLU C 217 -26.59 -3.81 16.95
C GLU C 217 -28.01 -3.61 16.45
N ILE C 218 -28.19 -3.65 15.13
CA ILE C 218 -29.52 -3.41 14.60
C ILE C 218 -30.47 -4.59 14.91
N PHE C 219 -29.91 -5.80 14.96
CA PHE C 219 -30.64 -7.00 15.40
C PHE C 219 -31.09 -6.87 16.84
N THR C 220 -30.13 -6.56 17.72
CA THR C 220 -30.40 -6.48 19.17
C THR C 220 -31.25 -5.28 19.58
N ASP C 221 -31.30 -4.23 18.75
CA ASP C 221 -32.10 -3.06 19.06
C ASP C 221 -33.59 -3.38 19.29
N SER C 222 -34.11 -2.94 20.43
CA SER C 222 -35.50 -3.20 20.85
C SER C 222 -36.54 -2.71 19.85
N ARG C 223 -36.16 -1.81 18.94
CA ARG C 223 -37.07 -1.28 17.92
C ARG C 223 -37.33 -2.25 16.77
N THR C 224 -36.47 -3.26 16.62
CA THR C 224 -36.61 -4.21 15.52
C THR C 224 -37.03 -5.59 15.99
N ILE C 225 -37.66 -6.33 15.09
CA ILE C 225 -37.86 -7.76 15.24
C ILE C 225 -36.74 -8.41 14.39
N GLY C 226 -35.76 -8.99 15.06
CA GLY C 226 -34.61 -9.53 14.36
C GLY C 226 -34.80 -10.94 13.84
N HIS C 227 -34.30 -11.15 12.64
CA HIS C 227 -34.27 -12.48 12.01
C HIS C 227 -32.84 -12.73 11.55
N SER C 228 -32.20 -13.79 12.06
CA SER C 228 -30.88 -14.15 11.58
C SER C 228 -31.08 -15.15 10.45
N VAL C 229 -30.40 -14.92 9.33
CA VAL C 229 -30.48 -15.84 8.20
C VAL C 229 -29.09 -16.40 7.87
N LYS C 230 -29.02 -17.66 7.50
CA LYS C 230 -27.77 -18.24 6.98
C LYS C 230 -27.56 -17.82 5.53
N THR C 231 -28.65 -17.79 4.76
CA THR C 231 -28.65 -17.61 3.31
C THR C 231 -29.84 -16.75 2.89
N TYR C 232 -29.75 -16.09 1.73
CA TYR C 232 -30.91 -15.35 1.19
C TYR C 232 -32.19 -16.22 1.04
N LYS C 233 -32.02 -17.52 0.95
CA LYS C 233 -33.11 -18.49 0.87
C LYS C 233 -33.91 -18.59 2.17
N ASP C 234 -33.27 -18.28 3.30
CA ASP C 234 -33.96 -18.17 4.57
C ASP C 234 -34.75 -16.89 4.58
N THR C 235 -34.18 -15.84 3.99
CA THR C 235 -34.90 -14.58 3.85
C THR C 235 -36.22 -14.78 3.08
N ILE C 236 -36.14 -15.47 1.94
CA ILE C 236 -37.30 -15.81 1.12
C ILE C 236 -38.34 -16.57 1.94
N ALA C 237 -37.90 -17.65 2.58
CA ALA C 237 -38.79 -18.48 3.41
C ALA C 237 -39.48 -17.65 4.51
N ILE C 238 -38.75 -16.74 5.15
CA ILE C 238 -39.35 -15.83 6.16
C ILE C 238 -40.36 -14.85 5.54
N LEU C 239 -39.99 -14.23 4.43
CA LEU C 239 -40.91 -13.37 3.67
C LEU C 239 -42.20 -14.08 3.28
N GLU C 240 -42.08 -15.29 2.74
CA GLU C 240 -43.28 -16.07 2.35
C GLU C 240 -44.21 -16.33 3.54
N ALA C 241 -43.64 -16.64 4.71
CA ALA C 241 -44.41 -16.88 5.92
C ALA C 241 -45.12 -15.63 6.41
N LEU C 242 -44.46 -14.48 6.32
CA LEU C 242 -45.09 -13.19 6.66
C LEU C 242 -46.21 -12.80 5.69
N LEU C 243 -46.12 -13.28 4.45
CA LEU C 243 -47.15 -12.99 3.46
C LEU C 243 -48.45 -13.64 3.85
N GLU C 244 -48.38 -14.91 4.26
CA GLU C 244 -49.58 -15.62 4.72
C GLU C 244 -49.87 -15.16 6.15
N ASP C 245 -48.90 -15.39 7.02
CA ASP C 245 -49.14 -15.36 8.46
C ASP C 245 -48.74 -14.05 9.13
CL CL D . 34.49 -15.43 31.72
MG MG E . 25.37 -8.68 5.98
C1 CIT F . 30.82 -17.14 16.52
O1 CIT F . 31.38 -16.02 16.51
O2 CIT F . 31.30 -18.08 15.85
C2 CIT F . 29.58 -17.41 17.34
C3 CIT F . 28.39 -16.52 16.96
O7 CIT F . 28.18 -16.65 15.52
C4 CIT F . 27.12 -17.01 17.66
C5 CIT F . 27.16 -17.11 19.17
O3 CIT F . 26.11 -17.25 19.84
O4 CIT F . 28.22 -17.06 19.80
C6 CIT F . 28.62 -15.05 17.28
O5 CIT F . 28.86 -14.68 18.45
O6 CIT F . 28.59 -14.18 16.38
CL CL G . -4.55 3.28 0.12
MG MG H . -6.11 13.85 -21.69
C1 CIT I . -5.53 8.23 -13.77
C1 CIT I . -5.52 12.79 -10.84
O1 CIT I . -6.42 7.77 -13.01
O1 CIT I . -5.98 13.94 -10.57
O2 CIT I . -4.62 7.48 -14.18
O2 CIT I . -4.28 12.71 -10.93
C2 CIT I . -5.54 9.70 -14.18
C2 CIT I . -6.43 11.55 -10.94
C3 CIT I . -6.18 10.60 -13.12
C3 CIT I . -7.03 11.07 -12.29
O7 CIT I . -6.01 10.08 -11.77
O7 CIT I . -6.78 12.12 -13.26
C4 CIT I . -5.48 11.93 -13.10
C4 CIT I . -6.24 9.81 -12.76
C5 CIT I . -5.74 12.49 -11.71
C5 CIT I . -6.90 8.71 -13.61
O3 CIT I . -4.80 12.55 -10.86
O3 CIT I . -6.61 8.63 -14.87
O4 CIT I . -6.89 12.90 -11.41
O4 CIT I . -7.63 7.83 -13.03
C6 CIT I . -7.65 10.82 -13.39
C6 CIT I . -8.56 10.86 -12.19
O5 CIT I . -8.02 11.61 -14.28
O5 CIT I . -9.07 9.76 -11.93
O6 CIT I . -8.53 10.27 -12.70
O6 CIT I . -9.40 11.79 -12.38
MG MG J . -24.36 -9.63 5.43
C1 CIT K . -17.74 -3.08 3.29
C1 CIT K . -14.87 -7.17 2.79
O1 CIT K . -17.16 -2.59 2.27
O1 CIT K . -15.28 -8.29 2.41
O2 CIT K . -18.10 -2.34 4.27
O2 CIT K . -13.99 -7.08 3.70
C2 CIT K . -17.91 -4.58 3.25
C2 CIT K . -15.39 -5.89 2.19
C3 CIT K . -16.50 -5.05 2.91
C3 CIT K . -16.91 -5.76 2.14
O7 CIT K . -15.68 -3.92 3.36
O7 CIT K . -17.50 -6.38 3.30
C4 CIT K . -16.05 -6.31 3.66
C4 CIT K . -17.26 -4.25 2.23
C5 CIT K . -14.53 -6.49 3.68
C5 CIT K . -18.22 -3.64 1.24
O3 CIT K . -13.96 -7.14 4.56
O3 CIT K . -19.24 -4.25 0.85
O4 CIT K . -13.76 -6.00 2.84
O4 CIT K . -18.01 -2.49 0.79
C6 CIT K . -16.27 -5.40 1.43
C6 CIT K . -17.35 -6.58 0.92
O5 CIT K . -16.90 -4.90 0.46
O5 CIT K . -17.24 -6.16 -0.26
O6 CIT K . -15.38 -6.22 1.15
O6 CIT K . -17.80 -7.72 1.12
#